data_1VKZ
#
_entry.id   1VKZ
#
_cell.length_a   63.745
_cell.length_b   78.443
_cell.length_c   85.018
_cell.angle_alpha   90.00
_cell.angle_beta   95.06
_cell.angle_gamma   90.00
#
_symmetry.space_group_name_H-M   'P 1 21 1'
#
loop_
_entity.id
_entity.type
_entity.pdbx_description
1 polymer 'Phosphoribosylamine--glycine ligase'
2 non-polymer 1,2-ETHANEDIOL
3 water water
#
_entity_poly.entity_id   1
_entity_poly.type   'polypeptide(L)'
_entity_poly.pdbx_seq_one_letter_code
;(MSE)GSDKIHHHHHH(MSE)KAVRVHILGSGGREHAIGWAFAKQGYEVHFYPGNAGTKRDGTNHPYEGEKTLKAIPEED
IVIPGSEEFLVEGVSNWRSNVFGPVKEVARLEGSKVYAKRF(MSE)KKYGIRTARFEVAETPEELREKIKKFSPPYVIKA
DGLARGKGVLILDSKEETIEKGSKLIIGELIKGVKGPVVIDEFLAGNELSA(MSE)AVVNGRNFVILPFVRDYKRL
(MSE)DGDRGPNTGG(MSE)GSWGPVEIPSDTIKKIEELFDKTLWGVEKEGYAYRGFLYLGL(MSE)LHDGDPYILEYNV
RLGDPETEVIVTLNPEGFVNAVLEGYRGGK(MSE)EPVEPRGFAVDVVLAARGYPDAPEKGKEITLPEEGLIFFAGVAEK
DGKLVTNGGRVLHC(MSE)GTGETKEEARRKAYELAEKVHFEGKTYRRDIAL
;
_entity_poly.pdbx_strand_id   A,B
#
loop_
_chem_comp.id
_chem_comp.type
_chem_comp.name
_chem_comp.formula
EDO non-polymer 1,2-ETHANEDIOL 'C2 H6 O2'
#
# COMPACT_ATOMS: atom_id res chain seq x y z
N VAL A 16 25.36 -28.78 30.62
CA VAL A 16 24.38 -29.75 30.03
C VAL A 16 23.00 -29.10 29.77
N ARG A 17 22.68 -28.00 30.46
CA ARG A 17 21.29 -27.51 30.49
C ARG A 17 21.08 -26.11 29.93
N VAL A 18 20.00 -25.98 29.15
CA VAL A 18 19.61 -24.75 28.50
C VAL A 18 18.33 -24.20 29.09
N HIS A 19 18.35 -22.92 29.38
CA HIS A 19 17.21 -22.29 29.99
C HIS A 19 16.67 -21.17 29.11
N ILE A 20 15.43 -21.32 28.67
CA ILE A 20 14.87 -20.37 27.74
C ILE A 20 13.77 -19.56 28.40
N LEU A 21 14.00 -18.26 28.44
CA LEU A 21 12.98 -17.33 28.95
C LEU A 21 11.97 -16.94 27.85
N GLY A 22 10.70 -17.20 28.10
CA GLY A 22 9.63 -16.79 27.21
C GLY A 22 8.60 -17.89 26.95
N SER A 23 7.64 -17.56 26.10
CA SER A 23 6.50 -18.42 25.84
C SER A 23 6.02 -18.50 24.37
N GLY A 24 6.77 -17.93 23.43
CA GLY A 24 6.38 -17.87 22.03
C GLY A 24 7.00 -18.98 21.22
N GLY A 25 6.77 -18.95 19.91
CA GLY A 25 7.30 -19.94 18.98
C GLY A 25 8.79 -19.83 18.77
N ARG A 26 9.33 -18.63 18.92
CA ARG A 26 10.80 -18.39 18.90
C ARG A 26 11.44 -19.20 20.00
N GLU A 27 10.86 -19.11 21.19
CA GLU A 27 11.38 -19.76 22.35
C GLU A 27 11.28 -21.27 22.18
N HIS A 28 10.13 -21.71 21.70
CA HIS A 28 9.91 -23.12 21.47
C HIS A 28 10.82 -23.61 20.36
N ALA A 29 10.96 -22.85 19.29
CA ALA A 29 11.91 -23.20 18.25
C ALA A 29 13.35 -23.33 18.79
N ILE A 30 13.79 -22.35 19.54
CA ILE A 30 15.13 -22.39 20.14
C ILE A 30 15.30 -23.63 21.06
N GLY A 31 14.31 -23.87 21.90
CA GLY A 31 14.32 -25.07 22.73
C GLY A 31 14.20 -26.34 21.96
N TRP A 32 13.54 -26.29 20.81
CA TRP A 32 13.34 -27.50 20.02
C TRP A 32 14.69 -27.97 19.47
N ALA A 33 15.45 -27.05 18.90
CA ALA A 33 16.80 -27.30 18.37
C ALA A 33 17.77 -27.87 19.42
N PHE A 34 17.80 -27.26 20.58
CA PHE A 34 18.67 -27.74 21.65
C PHE A 34 18.32 -29.16 22.09
N ALA A 35 17.03 -29.41 22.23
CA ALA A 35 16.56 -30.70 22.70
C ALA A 35 16.86 -31.74 21.65
N LYS A 36 16.80 -31.30 20.38
CA LYS A 36 17.11 -32.13 19.21
C LYS A 36 18.60 -32.56 19.25
N GLN A 37 19.46 -31.69 19.77
CA GLN A 37 20.90 -32.00 19.93
C GLN A 37 21.19 -32.65 21.27
N GLY A 38 20.16 -32.99 22.04
CA GLY A 38 20.37 -33.76 23.27
C GLY A 38 20.53 -32.98 24.57
N TYR A 39 20.34 -31.66 24.52
CA TYR A 39 20.42 -30.84 25.73
C TYR A 39 19.12 -30.89 26.56
N GLU A 40 19.26 -30.66 27.87
CA GLU A 40 18.11 -30.65 28.79
C GLU A 40 17.60 -29.22 28.78
N VAL A 41 16.34 -29.03 28.41
CA VAL A 41 15.84 -27.72 28.12
C VAL A 41 14.74 -27.34 29.11
N HIS A 42 14.91 -26.17 29.71
CA HIS A 42 13.92 -25.61 30.60
C HIS A 42 13.37 -24.30 30.02
N PHE A 43 12.05 -24.20 29.98
CA PHE A 43 11.39 -23.01 29.50
C PHE A 43 10.73 -22.25 30.64
N TYR A 44 10.75 -20.93 30.55
CA TYR A 44 10.28 -20.07 31.63
C TYR A 44 9.45 -18.91 31.07
N PRO A 45 8.12 -19.00 31.04
CA PRO A 45 7.33 -20.15 31.46
C PRO A 45 6.93 -21.15 30.38
N GLY A 46 7.44 -20.99 29.17
CA GLY A 46 6.95 -21.80 28.07
C GLY A 46 5.44 -21.71 27.84
N ASN A 47 4.91 -22.79 27.25
CA ASN A 47 3.50 -22.96 26.98
C ASN A 47 3.21 -24.46 26.82
N ALA A 48 1.99 -24.83 26.51
CA ALA A 48 1.62 -26.24 26.50
C ALA A 48 2.31 -27.08 25.40
N GLY A 49 2.84 -26.41 24.38
CA GLY A 49 3.56 -27.06 23.31
C GLY A 49 4.98 -27.33 23.69
N THR A 50 5.55 -26.52 24.61
CA THR A 50 6.97 -26.62 24.91
C THR A 50 7.29 -27.79 25.82
N LYS A 51 6.24 -28.36 26.40
CA LYS A 51 6.33 -29.62 27.12
C LYS A 51 6.86 -30.78 26.25
N ARG A 52 6.76 -30.69 24.93
CA ARG A 52 7.26 -31.74 24.02
C ARG A 52 8.75 -31.87 24.05
N ASP A 53 9.42 -30.76 24.29
CA ASP A 53 10.85 -30.69 24.12
C ASP A 53 11.59 -30.30 25.38
N GLY A 54 10.88 -30.02 26.46
CA GLY A 54 11.53 -29.74 27.74
C GLY A 54 10.50 -29.57 28.85
N THR A 55 10.94 -29.06 30.01
CA THR A 55 10.05 -28.85 31.14
C THR A 55 9.83 -27.37 31.33
N ASN A 56 8.56 -26.99 31.47
CA ASN A 56 8.17 -25.62 31.74
C ASN A 56 8.20 -25.28 33.24
N HIS A 57 8.74 -24.11 33.59
CA HIS A 57 8.73 -23.62 34.96
C HIS A 57 8.28 -22.17 34.95
N PRO A 58 7.63 -21.72 36.00
CA PRO A 58 7.30 -20.31 36.12
C PRO A 58 8.53 -19.42 36.20
N TYR A 59 8.49 -18.29 35.51
CA TYR A 59 9.55 -17.29 35.60
C TYR A 59 9.20 -16.33 36.75
N GLU A 60 10.17 -16.03 37.60
CA GLU A 60 9.93 -15.17 38.75
C GLU A 60 11.11 -14.22 38.96
N GLY A 61 11.60 -13.65 37.86
CA GLY A 61 12.68 -12.66 37.90
C GLY A 61 14.00 -13.21 38.40
N GLU A 62 14.70 -12.38 39.19
CA GLU A 62 15.97 -12.74 39.80
C GLU A 62 15.95 -14.04 40.62
N LYS A 63 14.80 -14.42 41.16
CA LYS A 63 14.69 -15.67 41.93
C LYS A 63 14.87 -16.87 40.99
N THR A 64 14.28 -16.77 39.80
CA THR A 64 14.44 -17.78 38.76
C THR A 64 15.89 -17.92 38.32
N LEU A 65 16.53 -16.77 38.10
CA LEU A 65 17.87 -16.72 37.51
C LEU A 65 19.02 -16.93 38.50
N LYS A 66 18.84 -16.49 39.75
CA LYS A 66 19.86 -16.70 40.79
C LYS A 66 20.06 -18.20 41.06
N ALA A 67 19.00 -18.97 40.84
CA ALA A 67 19.00 -20.40 41.13
C ALA A 67 19.69 -21.21 40.02
N ILE A 68 19.79 -20.65 38.84
CA ILE A 68 20.40 -21.36 37.72
C ILE A 68 21.93 -21.24 37.74
N PRO A 69 22.64 -22.36 37.66
CA PRO A 69 24.10 -22.34 37.71
C PRO A 69 24.73 -21.85 36.40
N GLU A 70 26.07 -21.82 36.31
CA GLU A 70 26.68 -21.57 34.98
C GLU A 70 26.46 -22.75 34.05
N GLU A 71 26.17 -22.41 32.80
CA GLU A 71 25.27 -23.15 31.90
C GLU A 71 24.30 -22.13 31.35
N ASP A 72 23.83 -22.33 30.14
CA ASP A 72 23.31 -21.24 29.32
C ASP A 72 21.90 -20.80 29.63
N ILE A 73 21.69 -19.47 29.71
CA ILE A 73 20.33 -18.86 29.70
C ILE A 73 20.14 -18.04 28.44
N VAL A 74 19.12 -18.39 27.65
CA VAL A 74 18.81 -17.68 26.40
C VAL A 74 17.59 -16.80 26.60
N ILE A 75 17.81 -15.49 26.63
CA ILE A 75 16.69 -14.58 26.68
C ILE A 75 16.26 -14.12 25.26
N PRO A 76 14.98 -14.19 24.93
CA PRO A 76 14.35 -13.31 23.90
C PRO A 76 13.18 -12.39 24.36
N GLY A 77 13.46 -11.10 24.51
CA GLY A 77 12.41 -10.15 24.88
C GLY A 77 12.92 -8.81 25.36
N SER A 78 12.19 -8.26 26.35
CA SER A 78 12.56 -7.08 27.11
C SER A 78 13.01 -7.48 28.53
N GLU A 79 12.98 -8.77 28.82
CA GLU A 79 13.76 -9.28 29.96
C GLU A 79 15.09 -8.50 29.98
N GLU A 80 15.68 -8.32 28.80
CA GLU A 80 17.00 -7.74 28.67
C GLU A 80 17.26 -6.31 29.05
N PHE A 81 16.25 -5.55 29.44
CA PHE A 81 16.52 -4.30 30.17
C PHE A 81 16.48 -4.58 31.68
N LEU A 82 16.86 -5.83 32.06
CA LEU A 82 17.60 -6.14 33.31
C LEU A 82 18.51 -7.43 33.30
N VAL A 83 18.07 -8.54 32.70
CA VAL A 83 18.68 -9.89 32.98
C VAL A 83 20.23 -9.94 33.09
N GLU A 84 20.92 -9.66 31.97
CA GLU A 84 22.35 -9.96 31.85
C GLU A 84 23.24 -9.06 32.70
N ARG A 90 24.02 -11.20 35.44
CA ARG A 90 24.50 -12.57 35.49
C ARG A 90 25.17 -12.99 34.21
N SER A 91 26.43 -13.44 34.32
CA SER A 91 27.23 -13.95 33.19
C SER A 91 26.64 -15.20 32.45
N ASN A 92 25.65 -15.80 33.08
CA ASN A 92 24.83 -16.89 32.55
C ASN A 92 24.02 -16.64 31.29
N VAL A 93 23.63 -15.39 31.19
CA VAL A 93 22.62 -15.00 30.24
C VAL A 93 23.25 -14.61 28.92
N PHE A 94 22.82 -15.25 27.85
CA PHE A 94 23.43 -15.04 26.57
C PHE A 94 22.69 -13.90 25.86
N GLY A 95 22.95 -12.69 26.32
CA GLY A 95 22.35 -11.55 25.79
C GLY A 95 22.97 -10.37 26.45
N PRO A 96 22.88 -9.20 25.83
CA PRO A 96 23.68 -8.07 26.26
C PRO A 96 23.20 -7.45 27.56
N VAL A 97 24.11 -6.79 28.28
CA VAL A 97 23.72 -5.98 29.46
C VAL A 97 22.80 -4.84 29.12
N LYS A 98 22.11 -4.29 30.13
CA LYS A 98 21.15 -3.18 29.98
C LYS A 98 21.67 -2.04 29.12
N GLU A 99 22.92 -1.64 29.38
CA GLU A 99 23.51 -0.50 28.71
C GLU A 99 23.59 -0.73 27.21
N VAL A 100 23.82 -1.96 26.78
CA VAL A 100 24.00 -2.27 25.37
C VAL A 100 22.63 -2.39 24.74
N ALA A 101 21.70 -2.95 25.51
CA ALA A 101 20.31 -3.13 25.07
C ALA A 101 19.53 -1.81 24.90
N ARG A 102 20.08 -0.68 25.39
CA ARG A 102 19.59 0.66 25.00
C ARG A 102 19.58 0.87 23.49
N LEU A 103 20.39 0.10 22.79
CA LEU A 103 20.37 0.12 21.35
C LEU A 103 18.98 -0.22 20.85
N GLU A 104 18.27 -1.16 21.52
CA GLU A 104 16.88 -1.46 21.20
C GLU A 104 15.94 -0.60 22.03
N GLY A 105 16.30 -0.38 23.29
CA GLY A 105 15.38 0.24 24.26
C GLY A 105 15.12 1.74 24.12
N SER A 106 16.08 2.45 23.58
CA SER A 106 16.03 3.86 23.32
C SER A 106 16.38 4.09 21.87
N LYS A 107 15.36 4.33 21.04
CA LYS A 107 15.56 4.61 19.66
C LYS A 107 16.35 5.92 19.46
N VAL A 108 16.25 6.85 20.40
CA VAL A 108 17.07 8.04 20.36
C VAL A 108 18.54 7.74 20.61
N TYR A 109 18.84 6.97 21.67
CA TYR A 109 20.20 6.57 21.91
C TYR A 109 20.75 5.88 20.67
N ALA A 110 19.95 5.03 20.03
CA ALA A 110 20.46 4.23 18.93
C ALA A 110 20.93 5.13 17.82
N LYS A 111 20.17 6.19 17.57
CA LYS A 111 20.51 7.15 16.51
C LYS A 111 21.76 7.93 16.77
N ARG A 112 21.97 8.33 18.03
CA ARG A 112 23.15 9.09 18.37
C ARG A 112 24.38 8.23 18.31
N PHE A 113 24.20 6.99 18.70
CA PHE A 113 25.21 5.97 18.63
C PHE A 113 25.68 5.82 17.18
N MSE A 114 24.74 5.59 16.28
CA MSE A 114 25.06 5.41 14.89
C MSE A 114 25.77 6.65 14.22
O MSE A 114 26.69 6.52 13.41
CB MSE A 114 23.79 5.06 14.16
CG MSE A 114 23.22 3.74 14.56
SE MSE A 114 21.68 3.29 13.43
CE MSE A 114 20.11 3.78 14.55
N LYS A 115 25.29 7.85 14.56
CA LYS A 115 25.94 9.06 14.07
C LYS A 115 27.40 9.06 14.54
N LYS A 116 27.60 8.79 15.84
CA LYS A 116 28.94 8.70 16.45
C LYS A 116 29.87 7.70 15.75
N TYR A 117 29.40 6.48 15.58
CA TYR A 117 30.26 5.46 15.03
C TYR A 117 30.16 5.28 13.50
N GLY A 118 29.57 6.27 12.81
CA GLY A 118 29.52 6.27 11.33
C GLY A 118 28.73 5.13 10.72
N ILE A 119 27.59 4.79 11.34
CA ILE A 119 26.73 3.71 10.91
C ILE A 119 25.60 4.29 10.05
N ARG A 120 25.46 3.76 8.85
CA ARG A 120 24.62 4.39 7.86
C ARG A 120 23.17 4.28 8.28
N THR A 121 22.55 5.43 8.48
CA THR A 121 21.18 5.48 8.92
C THR A 121 20.54 6.73 8.36
N ALA A 122 19.23 6.80 8.42
CA ALA A 122 18.49 7.93 7.93
C ALA A 122 18.80 9.14 8.75
N ARG A 123 18.76 10.29 8.09
CA ARG A 123 18.83 11.58 8.75
C ARG A 123 17.63 11.70 9.69
N PHE A 124 17.80 12.40 10.79
CA PHE A 124 16.84 12.38 11.89
C PHE A 124 16.98 13.61 12.77
N GLU A 125 15.91 13.96 13.48
CA GLU A 125 15.99 14.89 14.59
C GLU A 125 15.30 14.26 15.79
N VAL A 126 15.52 14.85 16.97
CA VAL A 126 14.85 14.40 18.18
C VAL A 126 13.87 15.45 18.69
N ALA A 127 12.60 15.06 18.82
CA ALA A 127 11.60 15.94 19.41
C ALA A 127 11.19 15.39 20.79
N GLU A 128 11.52 16.17 21.82
CA GLU A 128 11.24 15.84 23.20
C GLU A 128 9.89 16.39 23.66
N THR A 129 9.38 17.42 22.96
CA THR A 129 8.03 17.94 23.19
C THR A 129 7.30 18.12 21.85
N PRO A 130 5.96 18.18 21.90
CA PRO A 130 5.14 18.51 20.73
C PRO A 130 5.50 19.81 20.03
N GLU A 131 5.94 20.79 20.81
CA GLU A 131 6.46 22.05 20.24
C GLU A 131 7.66 21.77 19.31
N GLU A 132 8.60 20.96 19.78
CA GLU A 132 9.77 20.62 18.99
C GLU A 132 9.37 19.83 17.75
N LEU A 133 8.36 18.95 17.91
CA LEU A 133 7.81 18.18 16.80
C LEU A 133 7.29 19.10 15.69
N ARG A 134 6.62 20.19 16.06
CA ARG A 134 6.13 21.19 15.09
C ARG A 134 7.27 21.89 14.34
N GLU A 135 8.28 22.33 15.10
CA GLU A 135 9.45 22.99 14.53
C GLU A 135 10.24 22.01 13.68
N LYS A 136 10.66 20.91 14.29
CA LYS A 136 11.58 19.97 13.64
C LYS A 136 10.95 19.17 12.51
N ILE A 137 9.62 19.09 12.45
CA ILE A 137 8.98 18.34 11.37
C ILE A 137 9.18 19.05 10.01
N LYS A 138 9.34 20.37 10.06
CA LYS A 138 9.50 21.18 8.84
C LYS A 138 10.77 20.86 8.06
N LYS A 139 11.75 20.24 8.72
CA LYS A 139 12.95 19.75 8.04
C LYS A 139 12.74 18.50 7.14
N PHE A 140 11.53 17.96 7.09
CA PHE A 140 11.27 16.69 6.39
C PHE A 140 10.16 16.81 5.38
N SER A 141 10.07 15.82 4.50
CA SER A 141 9.12 15.86 3.39
C SER A 141 8.06 14.77 3.50
N PRO A 142 6.89 15.05 2.94
CA PRO A 142 5.63 14.35 3.19
C PRO A 142 5.63 12.96 3.81
N PRO A 143 6.29 11.93 3.26
CA PRO A 143 6.20 10.62 3.93
C PRO A 143 6.98 10.66 5.26
N TYR A 144 6.29 10.98 6.35
CA TYR A 144 6.95 11.26 7.64
C TYR A 144 7.06 10.01 8.46
N VAL A 145 8.17 9.87 9.18
CA VAL A 145 8.38 8.74 10.06
C VAL A 145 8.68 9.26 11.45
N ILE A 146 7.83 8.92 12.39
CA ILE A 146 7.98 9.26 13.79
C ILE A 146 8.17 7.97 14.53
N LYS A 147 9.13 7.93 15.43
CA LYS A 147 9.44 6.73 16.18
C LYS A 147 9.53 7.05 17.66
N ALA A 148 8.75 6.35 18.45
CA ALA A 148 8.85 6.43 19.91
C ALA A 148 10.22 6.03 20.42
N ASP A 149 10.80 6.82 21.30
CA ASP A 149 12.09 6.45 21.89
C ASP A 149 12.05 5.07 22.51
N GLY A 150 11.04 4.84 23.35
CA GLY A 150 10.97 3.62 24.12
C GLY A 150 10.27 2.49 23.43
N LEU A 151 10.26 1.35 24.10
CA LEU A 151 9.58 0.17 23.62
C LEU A 151 8.09 0.46 23.56
N ALA A 152 7.46 0.02 22.47
CA ALA A 152 6.01 0.23 22.28
C ALA A 152 5.35 -1.08 21.90
N ARG A 153 6.03 -2.18 22.21
CA ARG A 153 5.70 -3.49 21.68
C ARG A 153 5.66 -3.36 20.16
N GLY A 154 6.73 -2.81 19.59
CA GLY A 154 6.82 -2.56 18.15
C GLY A 154 5.53 -2.02 17.56
N LYS A 155 4.91 -1.08 18.26
CA LYS A 155 3.72 -0.37 17.74
C LYS A 155 3.95 1.16 17.73
N GLY A 156 5.21 1.59 17.83
CA GLY A 156 5.53 3.02 18.01
C GLY A 156 6.39 3.68 16.93
N VAL A 157 6.54 3.04 15.80
CA VAL A 157 7.06 3.71 14.63
C VAL A 157 5.88 4.10 13.72
N LEU A 158 5.60 5.40 13.58
CA LEU A 158 4.50 5.88 12.71
C LEU A 158 5.05 6.25 11.36
N ILE A 159 4.30 5.94 10.31
CA ILE A 159 4.64 6.40 8.95
C ILE A 159 3.43 7.10 8.37
N LEU A 160 3.47 8.43 8.32
CA LEU A 160 2.29 9.19 7.94
C LEU A 160 2.50 10.07 6.72
N ASP A 161 1.53 10.05 5.82
CA ASP A 161 1.60 10.83 4.59
C ASP A 161 1.56 12.33 4.86
N SER A 162 0.66 12.75 5.74
CA SER A 162 0.41 14.18 6.01
C SER A 162 1.05 14.69 7.32
N LYS A 163 1.45 15.95 7.27
CA LYS A 163 2.08 16.66 8.38
C LYS A 163 1.10 16.80 9.57
N GLU A 164 -0.13 17.20 9.28
CA GLU A 164 -1.16 17.42 10.31
C GLU A 164 -1.37 16.18 11.18
N GLU A 165 -1.53 15.04 10.52
CA GLU A 165 -1.74 13.74 11.16
C GLU A 165 -0.47 13.31 11.90
N THR A 166 0.68 13.68 11.36
CA THR A 166 1.96 13.45 11.99
C THR A 166 2.13 14.27 13.27
N ILE A 167 1.76 15.54 13.20
CA ILE A 167 1.88 16.40 14.37
C ILE A 167 0.86 15.94 15.42
N GLU A 168 -0.36 15.67 14.98
CA GLU A 168 -1.45 15.27 15.90
C GLU A 168 -1.13 13.98 16.64
N LYS A 169 -0.76 12.93 15.92
CA LYS A 169 -0.45 11.63 16.52
C LYS A 169 0.92 11.63 17.20
N GLY A 170 1.89 12.25 16.57
CA GLY A 170 3.23 12.30 17.11
C GLY A 170 3.32 13.07 18.40
N SER A 171 2.51 14.11 18.51
CA SER A 171 2.43 14.91 19.72
C SER A 171 1.88 14.05 20.86
N LYS A 172 0.79 13.35 20.55
CA LYS A 172 0.13 12.43 21.49
C LYS A 172 1.06 11.31 21.85
N LEU A 173 1.86 10.88 20.89
CA LEU A 173 2.88 9.85 21.16
C LEU A 173 3.96 10.33 22.13
N ILE A 174 4.32 11.61 22.02
CA ILE A 174 5.30 12.21 22.94
C ILE A 174 4.72 12.27 24.37
N ILE A 175 3.48 12.74 24.48
CA ILE A 175 2.85 13.02 25.78
C ILE A 175 2.17 11.79 26.41
N GLY A 176 2.26 10.63 25.77
CA GLY A 176 1.71 9.40 26.31
C GLY A 176 0.23 9.22 26.07
N GLU A 177 -0.35 10.06 25.22
CA GLU A 177 -1.75 9.92 24.82
C GLU A 177 -1.98 9.07 23.56
N LEU A 178 -0.92 8.69 22.84
CA LEU A 178 -1.12 7.83 21.68
C LEU A 178 -1.20 6.37 22.08
N ILE A 179 -0.07 5.83 22.55
CA ILE A 179 0.03 4.44 22.98
C ILE A 179 0.20 4.38 24.49
N LYS A 180 -0.79 3.84 25.20
CA LYS A 180 -0.75 3.68 26.66
C LYS A 180 0.59 3.06 27.11
N GLY A 181 1.28 3.74 28.03
CA GLY A 181 2.60 3.30 28.50
C GLY A 181 3.77 3.63 27.58
N VAL A 182 3.56 4.58 26.67
CA VAL A 182 4.66 5.12 25.86
C VAL A 182 4.59 6.64 25.88
N LYS A 183 5.73 7.25 26.15
CA LYS A 183 5.80 8.66 26.49
C LYS A 183 7.27 9.04 26.51
N GLY A 184 7.57 10.22 26.01
CA GLY A 184 8.96 10.65 25.92
C GLY A 184 9.31 10.99 24.49
N PRO A 185 10.58 11.29 24.26
CA PRO A 185 11.03 11.85 23.00
C PRO A 185 10.67 10.96 21.84
N VAL A 186 10.66 11.55 20.64
CA VAL A 186 10.52 10.79 19.41
C VAL A 186 11.63 11.13 18.44
N VAL A 187 12.00 10.15 17.65
CA VAL A 187 12.87 10.34 16.51
C VAL A 187 11.99 10.74 15.30
N ILE A 188 12.45 11.73 14.56
CA ILE A 188 11.85 12.01 13.29
C ILE A 188 12.88 11.50 12.31
N ASP A 189 12.49 10.53 11.49
CA ASP A 189 13.43 9.90 10.60
C ASP A 189 13.10 10.28 9.17
N GLU A 190 14.12 10.56 8.40
CA GLU A 190 13.96 10.78 6.99
C GLU A 190 13.49 9.45 6.41
N PHE A 191 12.35 9.46 5.73
CA PHE A 191 11.82 8.25 5.10
C PHE A 191 12.70 7.90 3.94
N LEU A 192 12.98 6.60 3.83
CA LEU A 192 13.84 6.02 2.82
C LEU A 192 13.04 5.12 1.88
N ALA A 193 12.93 5.53 0.62
CA ALA A 193 12.48 4.61 -0.39
C ALA A 193 13.38 3.38 -0.33
N GLY A 194 12.77 2.20 -0.48
CA GLY A 194 13.54 0.98 -0.65
C GLY A 194 12.81 -0.30 -0.33
N ASN A 195 13.56 -1.39 -0.37
CA ASN A 195 13.09 -2.69 0.08
C ASN A 195 13.64 -2.97 1.47
N GLU A 196 12.73 -3.27 2.39
CA GLU A 196 13.08 -3.52 3.76
C GLU A 196 13.64 -4.92 3.88
N LEU A 197 14.49 -5.12 4.89
CA LEU A 197 15.25 -6.35 5.07
C LEU A 197 15.83 -6.45 6.49
N SER A 198 15.85 -7.65 7.03
CA SER A 198 16.35 -7.84 8.37
C SER A 198 17.64 -8.60 8.26
N ALA A 199 18.56 -8.34 9.18
CA ALA A 199 19.74 -9.15 9.30
C ALA A 199 19.97 -9.49 10.78
N MSE A 200 20.35 -10.72 11.06
CA MSE A 200 20.47 -11.26 12.40
C MSE A 200 21.78 -11.96 12.55
O MSE A 200 22.27 -12.67 11.67
CB MSE A 200 19.36 -12.29 12.67
CG MSE A 200 18.21 -11.80 13.52
SE MSE A 200 16.50 -12.72 13.08
CE MSE A 200 16.11 -11.55 11.45
N ALA A 201 22.38 -11.80 13.72
CA ALA A 201 23.63 -12.46 13.96
C ALA A 201 23.73 -12.97 15.41
N VAL A 202 24.48 -14.06 15.53
CA VAL A 202 24.99 -14.53 16.82
C VAL A 202 26.31 -13.82 17.00
N VAL A 203 26.51 -13.28 18.19
CA VAL A 203 27.54 -12.30 18.46
C VAL A 203 28.27 -12.62 19.79
N ASN A 204 29.60 -12.46 19.77
CA ASN A 204 30.46 -12.49 20.97
C ASN A 204 31.50 -11.43 20.80
N GLY A 205 31.30 -10.31 21.48
CA GLY A 205 32.20 -9.19 21.41
C GLY A 205 32.24 -8.70 20.01
N ARG A 206 33.39 -8.83 19.33
CA ARG A 206 33.54 -8.36 17.96
C ARG A 206 33.36 -9.45 16.92
N ASN A 207 33.30 -10.70 17.36
CA ASN A 207 32.99 -11.82 16.49
C ASN A 207 31.50 -11.96 16.31
N PHE A 208 31.06 -12.26 15.08
CA PHE A 208 29.65 -12.54 14.80
C PHE A 208 29.49 -13.50 13.62
N VAL A 209 28.38 -14.24 13.60
CA VAL A 209 27.99 -14.97 12.40
C VAL A 209 26.63 -14.48 12.00
N ILE A 210 26.46 -14.21 10.71
CA ILE A 210 25.16 -13.79 10.18
C ILE A 210 24.30 -15.01 9.90
N LEU A 211 23.06 -14.98 10.34
CA LEU A 211 22.15 -16.08 10.12
C LEU A 211 21.47 -15.99 8.74
N PRO A 212 20.89 -17.09 8.26
CA PRO A 212 20.18 -17.09 7.04
C PRO A 212 19.16 -15.96 6.99
N PHE A 213 19.11 -15.25 5.88
CA PHE A 213 18.12 -14.20 5.68
C PHE A 213 16.75 -14.81 5.39
N VAL A 214 15.72 -14.25 6.00
CA VAL A 214 14.36 -14.78 5.88
C VAL A 214 13.44 -13.63 5.52
N ARG A 215 12.31 -13.90 4.92
CA ARG A 215 11.42 -12.83 4.54
C ARG A 215 10.22 -12.94 5.45
N ASP A 216 9.86 -11.86 6.10
CA ASP A 216 8.71 -11.88 6.98
C ASP A 216 7.49 -11.14 6.37
N TYR A 217 6.32 -11.40 6.97
CA TYR A 217 5.07 -10.90 6.51
C TYR A 217 4.44 -10.19 7.72
N LYS A 218 4.61 -8.88 7.77
CA LYS A 218 4.18 -8.05 8.91
C LYS A 218 2.69 -7.76 8.98
N ARG A 219 2.05 -7.56 7.82
CA ARG A 219 0.63 -7.25 7.78
C ARG A 219 -0.22 -8.48 8.04
N LEU A 220 -1.42 -8.26 8.55
CA LEU A 220 -2.31 -9.35 8.95
C LEU A 220 -2.91 -10.09 7.76
N MSE A 221 -3.07 -9.38 6.64
CA MSE A 221 -3.87 -9.86 5.53
C MSE A 221 -3.12 -9.90 4.22
O MSE A 221 -2.14 -9.19 4.02
CB MSE A 221 -5.10 -8.99 5.37
CG MSE A 221 -5.80 -8.68 6.67
SE MSE A 221 -7.47 -7.83 6.28
CE MSE A 221 -8.39 -8.09 8.08
N ASP A 222 -3.65 -10.72 3.32
CA ASP A 222 -3.01 -11.06 2.08
C ASP A 222 -2.92 -9.83 1.24
N GLY A 223 -1.87 -9.73 0.43
CA GLY A 223 -1.62 -8.53 -0.33
C GLY A 223 -1.21 -7.41 0.62
N ASP A 224 -0.56 -7.79 1.72
CA ASP A 224 -0.12 -6.88 2.77
C ASP A 224 -1.11 -5.76 3.11
N ARG A 225 -2.33 -6.19 3.41
CA ARG A 225 -3.38 -5.31 3.89
C ARG A 225 -3.61 -5.57 5.36
N GLY A 226 -4.46 -4.74 5.97
CA GLY A 226 -4.83 -4.88 7.37
C GLY A 226 -3.76 -4.28 8.26
N PRO A 227 -3.90 -4.47 9.57
CA PRO A 227 -2.95 -3.91 10.54
C PRO A 227 -1.61 -4.60 10.50
N ASN A 228 -0.59 -3.92 10.99
CA ASN A 228 0.69 -4.54 11.23
C ASN A 228 0.54 -5.49 12.40
N THR A 229 1.33 -6.56 12.37
CA THR A 229 1.37 -7.58 13.42
C THR A 229 2.84 -7.80 13.75
N GLY A 230 3.09 -8.70 14.68
CA GLY A 230 4.46 -9.06 15.03
C GLY A 230 5.06 -10.09 14.10
N GLY A 231 4.21 -10.54 13.13
CA GLY A 231 4.59 -11.35 11.95
C GLY A 231 3.64 -12.50 11.59
N MSE A 232 3.14 -12.54 10.36
CA MSE A 232 2.16 -13.57 9.94
C MSE A 232 2.74 -14.78 9.17
O MSE A 232 2.04 -15.72 8.78
CB MSE A 232 1.04 -12.93 9.14
CG MSE A 232 0.18 -12.03 10.00
SE MSE A 232 -0.76 -13.07 11.41
CE MSE A 232 -2.32 -13.88 10.30
N GLY A 233 4.05 -14.75 8.94
CA GLY A 233 4.73 -15.91 8.45
C GLY A 233 6.10 -15.47 7.99
N SER A 234 6.89 -16.44 7.57
CA SER A 234 8.15 -16.14 6.94
C SER A 234 8.63 -17.36 6.19
N TRP A 235 9.61 -17.13 5.35
CA TRP A 235 10.25 -18.23 4.72
C TRP A 235 11.69 -17.90 4.54
N GLY A 236 12.48 -18.92 4.23
CA GLY A 236 13.85 -18.71 3.91
C GLY A 236 14.41 -19.99 3.36
N PRO A 237 15.66 -19.92 2.90
CA PRO A 237 16.44 -18.69 2.97
C PRO A 237 16.24 -17.81 1.75
N VAL A 238 16.32 -16.50 1.97
CA VAL A 238 16.35 -15.48 0.94
C VAL A 238 17.79 -15.29 0.47
N GLU A 239 17.97 -15.03 -0.84
CA GLU A 239 19.28 -14.83 -1.48
C GLU A 239 19.62 -13.35 -1.60
N ILE A 240 20.69 -12.92 -0.93
CA ILE A 240 21.11 -11.52 -0.94
C ILE A 240 22.43 -11.41 -1.75
N PRO A 241 22.56 -10.40 -2.61
CA PRO A 241 23.81 -10.24 -3.35
C PRO A 241 25.00 -10.13 -2.40
N SER A 242 26.15 -10.65 -2.83
CA SER A 242 27.36 -10.67 -1.99
C SER A 242 27.83 -9.28 -1.58
N ASP A 243 27.70 -8.32 -2.50
CA ASP A 243 28.06 -6.92 -2.23
C ASP A 243 27.17 -6.30 -1.14
N THR A 244 25.87 -6.61 -1.21
CA THR A 244 24.94 -6.24 -0.16
C THR A 244 25.27 -6.88 1.17
N ILE A 245 25.59 -8.16 1.16
CA ILE A 245 26.03 -8.86 2.38
C ILE A 245 27.31 -8.24 2.93
N LYS A 246 28.28 -7.93 2.08
CA LYS A 246 29.50 -7.30 2.60
C LYS A 246 29.24 -5.96 3.31
N LYS A 247 28.33 -5.17 2.75
CA LYS A 247 27.90 -3.92 3.39
C LYS A 247 27.16 -4.17 4.69
N ILE A 248 26.37 -5.24 4.73
CA ILE A 248 25.65 -5.67 5.92
C ILE A 248 26.61 -6.08 7.01
N GLU A 249 27.64 -6.80 6.61
CA GLU A 249 28.73 -7.21 7.50
C GLU A 249 29.42 -6.01 8.13
N GLU A 250 29.62 -4.98 7.31
CA GLU A 250 30.29 -3.76 7.73
C GLU A 250 29.44 -3.00 8.73
N LEU A 251 28.12 -3.06 8.58
CA LEU A 251 27.19 -2.50 9.59
C LEU A 251 27.33 -3.19 10.93
N PHE A 252 27.43 -4.53 10.90
CA PHE A 252 27.67 -5.31 12.11
C PHE A 252 29.00 -4.97 12.77
N ASP A 253 30.06 -4.89 11.96
CA ASP A 253 31.37 -4.54 12.49
C ASP A 253 31.38 -3.18 13.17
N LYS A 254 30.77 -2.17 12.53
CA LYS A 254 30.87 -0.81 13.05
C LYS A 254 30.02 -0.67 14.30
N THR A 255 28.91 -1.40 14.34
CA THR A 255 28.04 -1.50 15.51
C THR A 255 28.73 -2.16 16.68
N LEU A 256 29.41 -3.27 16.42
CA LEU A 256 30.13 -3.96 17.49
C LEU A 256 31.34 -3.20 17.98
N TRP A 257 32.07 -2.55 17.08
CA TRP A 257 33.16 -1.66 17.47
C TRP A 257 32.63 -0.55 18.38
N GLY A 258 31.52 0.07 17.98
CA GLY A 258 30.92 1.12 18.77
C GLY A 258 30.58 0.68 20.17
N VAL A 259 30.02 -0.53 20.32
CA VAL A 259 29.76 -1.11 21.66
C VAL A 259 31.05 -1.26 22.47
N GLU A 260 32.10 -1.78 21.83
CA GLU A 260 33.38 -1.95 22.51
C GLU A 260 33.93 -0.60 22.90
N LYS A 261 33.91 0.36 21.98
CA LYS A 261 34.36 1.69 22.31
C LYS A 261 33.52 2.38 23.42
N GLU A 262 32.24 2.01 23.58
CA GLU A 262 31.48 2.47 24.77
C GLU A 262 31.88 1.76 26.07
N GLY A 263 32.69 0.70 25.99
CA GLY A 263 33.27 0.05 27.16
C GLY A 263 32.65 -1.29 27.48
N TYR A 264 31.76 -1.74 26.62
CA TYR A 264 30.94 -2.91 26.85
C TYR A 264 31.25 -3.95 25.79
N ALA A 265 30.79 -5.18 26.00
CA ALA A 265 30.96 -6.24 25.02
C ALA A 265 29.61 -6.86 24.75
N TYR A 266 29.28 -6.98 23.47
CA TYR A 266 27.98 -7.51 23.06
C TYR A 266 28.08 -9.00 23.02
N ARG A 267 27.18 -9.66 23.75
CA ARG A 267 27.07 -11.10 23.78
C ARG A 267 25.64 -11.38 23.48
N GLY A 268 25.37 -12.29 22.56
CA GLY A 268 24.00 -12.70 22.29
C GLY A 268 23.61 -12.65 20.83
N PHE A 269 22.41 -12.19 20.57
CA PHE A 269 21.90 -12.12 19.22
C PHE A 269 21.69 -10.65 18.92
N LEU A 270 22.02 -10.26 17.69
CA LEU A 270 21.83 -8.87 17.26
C LEU A 270 21.06 -8.86 15.98
N TYR A 271 19.97 -8.12 15.97
CA TYR A 271 19.07 -8.01 14.81
C TYR A 271 19.18 -6.57 14.28
N LEU A 272 19.36 -6.46 12.96
CA LEU A 272 19.32 -5.20 12.25
C LEU A 272 18.10 -5.20 11.36
N GLY A 273 17.21 -4.25 11.56
CA GLY A 273 16.14 -4.02 10.59
C GLY A 273 16.70 -3.03 9.61
N LEU A 274 16.75 -3.41 8.34
CA LEU A 274 17.45 -2.60 7.33
C LEU A 274 16.50 -2.13 6.25
N MSE A 275 16.98 -1.20 5.46
CA MSE A 275 16.32 -0.66 4.31
C MSE A 275 17.40 -0.55 3.24
O MSE A 275 18.38 0.18 3.41
CB MSE A 275 15.76 0.73 4.63
CG MSE A 275 14.97 1.35 3.50
SE MSE A 275 13.47 0.20 3.03
CE MSE A 275 12.13 0.92 4.37
N LEU A 276 17.24 -1.28 2.14
CA LEU A 276 18.15 -1.17 1.03
C LEU A 276 17.65 -0.01 0.24
N HIS A 277 18.47 1.03 0.16
CA HIS A 277 18.12 2.28 -0.46
C HIS A 277 19.31 2.74 -1.28
N ASP A 278 19.08 2.98 -2.57
CA ASP A 278 20.14 3.39 -3.49
C ASP A 278 21.44 2.57 -3.34
N GLY A 279 21.30 1.24 -3.36
CA GLY A 279 22.44 0.32 -3.31
C GLY A 279 23.00 0.02 -1.91
N ASP A 280 22.58 0.77 -0.90
CA ASP A 280 23.21 0.67 0.41
C ASP A 280 22.21 0.31 1.45
N PRO A 281 22.62 -0.51 2.42
CA PRO A 281 21.81 -0.81 3.57
C PRO A 281 21.90 0.25 4.67
N TYR A 282 20.71 0.70 5.09
CA TYR A 282 20.51 1.61 6.22
C TYR A 282 19.85 0.85 7.37
N ILE A 283 20.31 1.17 8.58
CA ILE A 283 19.74 0.61 9.80
C ILE A 283 18.55 1.40 10.26
N LEU A 284 17.38 0.76 10.21
CA LEU A 284 16.11 1.31 10.68
C LEU A 284 15.96 1.19 12.16
N GLU A 285 16.57 0.15 12.72
CA GLU A 285 16.52 -0.11 14.14
C GLU A 285 17.35 -1.32 14.48
N TYR A 286 17.72 -1.37 15.74
CA TYR A 286 18.43 -2.49 16.36
C TYR A 286 17.43 -3.24 17.25
N ASN A 287 17.46 -4.56 17.17
CA ASN A 287 16.85 -5.39 18.21
C ASN A 287 17.94 -6.29 18.76
N VAL A 288 17.83 -6.60 20.03
CA VAL A 288 18.90 -7.37 20.73
C VAL A 288 18.46 -8.78 21.00
N ARG A 289 17.67 -9.31 20.09
CA ARG A 289 17.31 -10.69 20.12
C ARG A 289 16.79 -11.03 18.73
N LEU A 290 16.49 -12.30 18.48
CA LEU A 290 16.10 -12.72 17.14
C LEU A 290 14.65 -12.46 17.00
N GLY A 291 14.19 -12.33 15.75
CA GLY A 291 12.76 -12.13 15.44
C GLY A 291 11.84 -13.36 15.58
N ASP A 292 10.53 -13.10 15.58
CA ASP A 292 9.46 -14.10 15.67
C ASP A 292 8.44 -13.62 14.65
N PRO A 293 8.24 -14.33 13.54
CA PRO A 293 8.61 -15.72 13.37
C PRO A 293 9.87 -16.01 12.56
N GLU A 294 10.86 -15.12 12.53
CA GLU A 294 12.09 -15.44 11.78
C GLU A 294 12.88 -16.59 12.39
N THR A 295 12.92 -16.64 13.71
CA THR A 295 13.67 -17.69 14.42
C THR A 295 13.20 -19.09 14.05
N GLU A 296 11.89 -19.28 14.04
CA GLU A 296 11.26 -20.55 13.61
C GLU A 296 11.87 -21.00 12.29
N VAL A 297 11.97 -20.08 11.34
CA VAL A 297 12.48 -20.43 10.02
C VAL A 297 13.97 -20.73 10.04
N ILE A 298 14.74 -19.85 10.65
CA ILE A 298 16.18 -19.96 10.73
C ILE A 298 16.53 -21.27 11.38
N VAL A 299 15.94 -21.54 12.53
CA VAL A 299 16.16 -22.79 13.28
C VAL A 299 15.82 -24.03 12.45
N THR A 300 14.71 -23.98 11.72
CA THR A 300 14.28 -25.12 10.95
C THR A 300 15.23 -25.30 9.80
N LEU A 301 15.95 -24.26 9.39
CA LEU A 301 16.91 -24.39 8.27
C LEU A 301 18.20 -25.10 8.63
N ASN A 302 18.60 -25.06 9.91
CA ASN A 302 19.78 -25.82 10.40
C ASN A 302 19.87 -25.86 11.92
N PRO A 303 19.12 -26.73 12.58
CA PRO A 303 19.05 -26.76 14.03
C PRO A 303 20.41 -26.98 14.70
N GLU A 304 21.19 -27.88 14.11
CA GLU A 304 22.56 -28.15 14.49
C GLU A 304 23.44 -26.92 14.52
N GLY A 305 23.44 -26.19 13.42
CA GLY A 305 24.34 -25.08 13.20
C GLY A 305 23.98 -23.89 14.06
N PHE A 306 22.68 -23.65 14.21
CA PHE A 306 22.23 -22.62 15.13
C PHE A 306 22.73 -22.93 16.54
N VAL A 307 22.37 -24.11 17.05
CA VAL A 307 22.83 -24.55 18.35
C VAL A 307 24.33 -24.41 18.54
N ASN A 308 25.10 -24.89 17.59
CA ASN A 308 26.55 -24.80 17.71
C ASN A 308 27.08 -23.36 17.80
N ALA A 309 26.56 -22.48 16.96
CA ALA A 309 27.04 -21.10 16.93
C ALA A 309 26.70 -20.38 18.25
N VAL A 310 25.53 -20.68 18.80
CA VAL A 310 25.13 -20.12 20.07
C VAL A 310 26.04 -20.61 21.18
N LEU A 311 26.41 -21.88 21.15
CA LEU A 311 27.20 -22.43 22.23
C LEU A 311 28.61 -21.89 22.14
N GLU A 312 29.14 -21.86 20.93
CA GLU A 312 30.46 -21.32 20.70
C GLU A 312 30.55 -19.87 21.08
N GLY A 313 29.52 -19.11 20.73
CA GLY A 313 29.45 -17.71 21.12
C GLY A 313 29.35 -17.54 22.62
N TYR A 314 28.44 -18.29 23.24
CA TYR A 314 28.37 -18.32 24.70
C TYR A 314 29.65 -18.72 25.37
N ARG A 315 30.32 -19.73 24.82
CA ARG A 315 31.51 -20.29 25.46
C ARG A 315 32.75 -19.42 25.21
N GLY A 316 32.64 -18.42 24.35
CA GLY A 316 33.79 -17.59 24.01
C GLY A 316 34.64 -18.14 22.88
N GLY A 317 34.20 -19.22 22.24
CA GLY A 317 34.96 -19.82 21.15
C GLY A 317 34.58 -19.29 19.78
N LYS A 318 35.26 -19.84 18.77
CA LYS A 318 35.00 -19.53 17.35
C LYS A 318 33.67 -20.07 16.86
N MSE A 319 32.86 -19.22 16.26
CA MSE A 319 31.61 -19.68 15.70
C MSE A 319 31.81 -19.96 14.25
O MSE A 319 32.50 -19.21 13.55
CB MSE A 319 30.52 -18.64 15.87
CG MSE A 319 30.17 -18.39 17.33
SE MSE A 319 29.04 -16.82 17.52
CE MSE A 319 30.31 -15.42 16.98
N GLU A 320 31.21 -21.05 13.81
CA GLU A 320 31.23 -21.46 12.43
C GLU A 320 29.96 -20.98 11.76
N PRO A 321 30.03 -20.65 10.47
CA PRO A 321 28.88 -20.19 9.69
C PRO A 321 27.62 -21.06 9.79
N VAL A 322 26.45 -20.43 9.81
CA VAL A 322 25.20 -21.17 9.82
C VAL A 322 24.61 -21.30 8.42
N GLU A 323 24.84 -22.43 7.78
CA GLU A 323 24.41 -22.67 6.43
C GLU A 323 23.00 -23.26 6.45
N PRO A 324 22.09 -22.70 5.67
CA PRO A 324 20.75 -23.24 5.57
C PRO A 324 20.68 -24.49 4.71
N ARG A 325 19.92 -25.49 5.16
CA ARG A 325 19.65 -26.67 4.36
C ARG A 325 18.21 -26.61 3.88
N GLY A 326 18.03 -26.49 2.58
CA GLY A 326 16.71 -26.49 1.99
C GLY A 326 16.03 -25.17 2.26
N PHE A 327 14.70 -25.19 2.26
CA PHE A 327 13.88 -24.03 2.50
C PHE A 327 12.89 -24.32 3.62
N ALA A 328 12.61 -23.30 4.42
CA ALA A 328 11.60 -23.39 5.47
C ALA A 328 10.51 -22.31 5.26
N VAL A 329 9.25 -22.68 5.51
CA VAL A 329 8.14 -21.77 5.45
C VAL A 329 7.43 -21.86 6.79
N ASP A 330 7.12 -20.71 7.36
CA ASP A 330 6.33 -20.62 8.57
C ASP A 330 4.99 -19.99 8.21
N VAL A 331 3.89 -20.74 8.33
CA VAL A 331 2.58 -20.16 8.25
C VAL A 331 2.10 -20.01 9.69
N VAL A 332 1.89 -18.77 10.11
CA VAL A 332 1.39 -18.48 11.42
C VAL A 332 -0.13 -18.59 11.41
N LEU A 333 -0.68 -19.42 12.31
CA LEU A 333 -2.11 -19.34 12.67
C LEU A 333 -2.30 -18.46 13.91
N ALA A 334 -3.12 -17.44 13.77
CA ALA A 334 -3.44 -16.51 14.84
C ALA A 334 -4.94 -16.57 15.17
N ALA A 335 -5.30 -15.95 16.27
CA ALA A 335 -6.69 -15.95 16.71
C ALA A 335 -7.48 -14.87 16.00
N ARG A 336 -8.78 -15.10 15.86
CA ARG A 336 -9.68 -14.05 15.46
C ARG A 336 -9.54 -12.89 16.43
N GLY A 337 -9.40 -11.68 15.88
CA GLY A 337 -9.18 -10.47 16.68
C GLY A 337 -7.75 -9.96 16.72
N TYR A 338 -6.80 -10.82 16.38
CA TYR A 338 -5.38 -10.47 16.37
C TYR A 338 -5.11 -9.42 15.31
N PRO A 339 -4.39 -8.33 15.61
CA PRO A 339 -3.70 -8.09 16.88
C PRO A 339 -4.41 -7.28 17.96
N ASP A 340 -5.39 -6.46 17.61
CA ASP A 340 -5.90 -5.48 18.57
C ASP A 340 -6.66 -6.09 19.75
N ALA A 341 -7.09 -7.33 19.62
CA ALA A 341 -7.98 -7.94 20.61
C ALA A 341 -8.19 -9.42 20.29
N PRO A 342 -7.18 -10.26 20.48
CA PRO A 342 -7.28 -11.69 20.11
C PRO A 342 -8.27 -12.39 21.01
N GLU A 343 -9.01 -13.35 20.47
CA GLU A 343 -9.91 -14.10 21.31
C GLU A 343 -9.21 -15.36 21.76
N LYS A 344 -9.42 -15.68 23.02
CA LYS A 344 -8.75 -16.81 23.66
C LYS A 344 -9.72 -17.95 23.97
N GLY A 345 -9.16 -19.05 24.49
CA GLY A 345 -9.94 -20.13 25.05
C GLY A 345 -10.57 -21.08 24.08
N LYS A 346 -10.25 -20.95 22.79
CA LYS A 346 -10.89 -21.79 21.76
C LYS A 346 -10.11 -23.09 21.62
N GLU A 347 -10.80 -24.19 21.34
CA GLU A 347 -10.18 -25.52 21.40
C GLU A 347 -9.41 -25.89 20.11
N ILE A 348 -8.18 -26.37 20.28
CA ILE A 348 -7.29 -26.63 19.15
C ILE A 348 -7.17 -28.12 18.85
N THR A 349 -7.55 -28.49 17.64
CA THR A 349 -7.32 -29.85 17.15
C THR A 349 -6.05 -29.86 16.32
N LEU A 350 -5.20 -30.82 16.62
CA LEU A 350 -3.87 -30.95 16.02
C LEU A 350 -3.78 -32.28 15.29
N PRO A 351 -3.03 -32.33 14.20
CA PRO A 351 -2.74 -33.61 13.53
C PRO A 351 -1.81 -34.57 14.29
N GLU A 352 -1.70 -35.80 13.76
CA GLU A 352 -0.76 -36.79 14.29
C GLU A 352 0.69 -36.29 14.16
N GLU A 353 1.05 -35.74 13.00
CA GLU A 353 2.41 -35.22 12.82
C GLU A 353 2.48 -33.84 12.13
N GLY A 354 3.72 -33.36 11.98
CA GLY A 354 3.99 -32.03 11.45
C GLY A 354 4.86 -31.23 12.41
N LEU A 355 5.74 -30.41 11.85
CA LEU A 355 6.51 -29.53 12.67
C LEU A 355 5.68 -28.30 12.99
N ILE A 356 5.27 -28.20 14.25
CA ILE A 356 4.56 -27.04 14.74
C ILE A 356 5.36 -26.43 15.87
N PHE A 357 5.41 -25.11 15.93
CA PHE A 357 5.93 -24.40 17.08
C PHE A 357 4.74 -23.71 17.69
N PHE A 358 4.62 -23.83 19.01
CA PHE A 358 3.51 -23.34 19.76
C PHE A 358 3.87 -22.04 20.41
N ALA A 359 2.89 -21.16 20.49
CA ALA A 359 3.08 -19.85 21.13
C ALA A 359 1.90 -19.64 22.06
N GLY A 360 0.86 -18.98 21.58
CA GLY A 360 -0.32 -18.69 22.40
C GLY A 360 -1.23 -19.90 22.58
N VAL A 361 -0.73 -20.93 23.26
CA VAL A 361 -1.57 -22.09 23.61
C VAL A 361 -1.50 -22.37 25.08
N ALA A 362 -2.63 -22.79 25.64
CA ALA A 362 -2.70 -23.20 27.06
C ALA A 362 -3.43 -24.52 27.21
N GLU A 363 -3.32 -25.10 28.39
CA GLU A 363 -4.06 -26.30 28.76
C GLU A 363 -5.23 -25.86 29.62
N LYS A 364 -6.42 -26.37 29.31
CA LYS A 364 -7.61 -26.07 30.10
C LYS A 364 -8.59 -27.21 29.92
N ASP A 365 -9.03 -27.78 31.05
CA ASP A 365 -9.98 -28.91 31.05
C ASP A 365 -9.47 -30.10 30.21
N GLY A 366 -8.17 -30.41 30.34
CA GLY A 366 -7.54 -31.53 29.66
C GLY A 366 -7.38 -31.31 28.16
N LYS A 367 -7.55 -30.09 27.71
CA LYS A 367 -7.54 -29.79 26.29
C LYS A 367 -6.52 -28.70 25.96
N LEU A 368 -6.23 -28.59 24.68
CA LEU A 368 -5.41 -27.53 24.18
C LEU A 368 -6.38 -26.41 23.77
N VAL A 369 -6.07 -25.18 24.22
CA VAL A 369 -6.89 -23.99 23.94
C VAL A 369 -6.03 -22.79 23.52
N THR A 370 -6.58 -21.88 22.72
CA THR A 370 -5.81 -20.68 22.31
C THR A 370 -5.63 -19.79 23.52
N ASN A 371 -4.50 -19.08 23.55
CA ASN A 371 -4.15 -18.23 24.68
C ASN A 371 -3.07 -17.26 24.27
N GLY A 372 -3.37 -16.43 23.27
CA GLY A 372 -2.43 -15.44 22.78
C GLY A 372 -2.78 -15.10 21.35
N GLY A 373 -2.22 -14.01 20.86
CA GLY A 373 -2.54 -13.53 19.52
C GLY A 373 -2.16 -14.51 18.43
N ARG A 374 -0.91 -14.90 18.45
CA ARG A 374 -0.37 -15.90 17.56
C ARG A 374 -0.36 -17.22 18.32
N VAL A 375 -1.03 -18.21 17.71
CA VAL A 375 -1.32 -19.47 18.38
C VAL A 375 -0.24 -20.47 17.99
N LEU A 376 -0.18 -20.74 16.70
CA LEU A 376 0.73 -21.77 16.19
C LEU A 376 1.54 -21.29 15.00
N HIS A 377 2.72 -21.89 14.88
CA HIS A 377 3.54 -21.78 13.72
C HIS A 377 3.55 -23.12 13.04
N CYS A 378 2.96 -23.19 11.84
CA CYS A 378 3.02 -24.39 10.99
C CYS A 378 4.20 -24.36 10.02
N MSE A 379 5.11 -25.32 10.17
CA MSE A 379 6.33 -25.33 9.37
C MSE A 379 6.20 -26.28 8.19
O MSE A 379 5.67 -27.38 8.33
CB MSE A 379 7.58 -25.73 10.19
CG MSE A 379 7.76 -25.00 11.54
SE MSE A 379 7.96 -23.05 11.36
CE MSE A 379 6.35 -22.59 11.65
N GLY A 380 6.69 -25.84 7.03
CA GLY A 380 6.88 -26.66 5.89
C GLY A 380 8.34 -26.64 5.57
N THR A 381 8.85 -27.75 5.03
CA THR A 381 10.25 -27.86 4.62
C THR A 381 10.31 -28.52 3.26
N GLY A 382 11.35 -28.20 2.49
CA GLY A 382 11.59 -28.86 1.23
C GLY A 382 12.88 -28.40 0.58
N GLU A 383 13.16 -28.98 -0.59
CA GLU A 383 14.29 -28.62 -1.41
C GLU A 383 14.01 -27.35 -2.20
N THR A 384 12.74 -27.04 -2.41
CA THR A 384 12.39 -25.76 -3.02
C THR A 384 11.51 -24.94 -2.11
N LYS A 385 11.35 -23.67 -2.47
CA LYS A 385 10.47 -22.78 -1.73
C LYS A 385 9.04 -23.29 -1.87
N GLU A 386 8.70 -23.80 -3.05
CA GLU A 386 7.34 -24.27 -3.29
C GLU A 386 7.05 -25.56 -2.53
N GLU A 387 8.07 -26.40 -2.34
CA GLU A 387 7.88 -27.65 -1.60
C GLU A 387 7.57 -27.32 -0.16
N ALA A 388 8.46 -26.52 0.40
CA ALA A 388 8.28 -25.92 1.74
C ALA A 388 6.93 -25.22 1.93
N ARG A 389 6.49 -24.47 0.93
CA ARG A 389 5.21 -23.77 0.99
C ARG A 389 4.01 -24.74 1.10
N ARG A 390 3.90 -25.69 0.18
CA ARG A 390 2.81 -26.66 0.23
C ARG A 390 2.79 -27.44 1.56
N LYS A 391 3.93 -27.93 2.00
CA LYS A 391 3.96 -28.69 3.25
C LYS A 391 3.40 -27.85 4.41
N ALA A 392 3.88 -26.63 4.54
CA ALA A 392 3.42 -25.72 5.59
C ALA A 392 1.90 -25.60 5.55
N TYR A 393 1.36 -25.31 4.36
CA TYR A 393 -0.06 -25.05 4.18
C TYR A 393 -0.92 -26.30 4.34
N GLU A 394 -0.40 -27.42 3.84
CA GLU A 394 -1.01 -28.72 4.07
C GLU A 394 -1.20 -28.97 5.57
N LEU A 395 -0.20 -28.58 6.35
CA LEU A 395 -0.29 -28.68 7.81
C LEU A 395 -1.29 -27.68 8.38
N ALA A 396 -1.27 -26.45 7.92
CA ALA A 396 -2.19 -25.46 8.49
C ALA A 396 -3.68 -25.87 8.29
N GLU A 397 -3.99 -26.53 7.15
CA GLU A 397 -5.33 -27.05 6.87
C GLU A 397 -5.72 -28.18 7.84
N LYS A 398 -4.74 -28.93 8.37
CA LYS A 398 -5.01 -30.02 9.32
C LYS A 398 -5.25 -29.52 10.74
N VAL A 399 -4.88 -28.28 10.98
CA VAL A 399 -4.87 -27.72 12.32
C VAL A 399 -6.12 -26.85 12.42
N HIS A 400 -6.91 -27.03 13.47
CA HIS A 400 -8.15 -26.25 13.62
C HIS A 400 -8.37 -25.67 15.01
N PHE A 401 -8.86 -24.45 15.00
CA PHE A 401 -9.52 -23.89 16.16
C PHE A 401 -10.39 -22.80 15.61
N GLU A 402 -11.40 -22.38 16.37
CA GLU A 402 -12.41 -21.47 15.85
C GLU A 402 -11.85 -20.07 15.67
N GLY A 403 -12.27 -19.43 14.57
CA GLY A 403 -11.72 -18.15 14.17
C GLY A 403 -10.29 -18.21 13.72
N LYS A 404 -9.86 -19.38 13.26
CA LYS A 404 -8.46 -19.65 12.88
C LYS A 404 -8.07 -18.73 11.73
N THR A 405 -7.07 -17.88 11.97
CA THR A 405 -6.73 -16.77 11.09
C THR A 405 -5.34 -16.88 10.44
N TYR A 406 -5.30 -16.92 9.12
CA TYR A 406 -4.04 -17.00 8.44
C TYR A 406 -4.01 -16.43 7.04
N ARG A 407 -2.77 -16.23 6.56
CA ARG A 407 -2.51 -15.72 5.23
C ARG A 407 -2.16 -16.85 4.30
N ARG A 408 -2.86 -16.93 3.19
CA ARG A 408 -2.59 -17.94 2.15
C ARG A 408 -1.57 -17.40 1.16
N ASP A 409 -1.18 -16.17 1.43
CA ASP A 409 -0.15 -15.38 0.77
C ASP A 409 1.28 -15.92 0.82
N ILE A 410 1.61 -16.70 1.85
CA ILE A 410 3.00 -16.84 2.26
C ILE A 410 3.84 -17.57 1.23
N ALA A 411 4.99 -16.98 0.88
CA ALA A 411 6.04 -17.64 0.08
C ALA A 411 5.59 -18.10 -1.29
N VAL B 16 -19.05 23.30 -38.77
CA VAL B 16 -17.74 24.00 -38.67
C VAL B 16 -17.26 24.20 -37.21
N ARG B 17 -18.18 24.20 -36.23
CA ARG B 17 -17.83 24.63 -34.85
C ARG B 17 -18.04 23.62 -33.73
N VAL B 18 -17.03 23.56 -32.85
CA VAL B 18 -17.00 22.63 -31.74
C VAL B 18 -17.17 23.40 -30.45
N HIS B 19 -18.06 22.92 -29.59
CA HIS B 19 -18.28 23.57 -28.32
C HIS B 19 -17.98 22.63 -27.17
N ILE B 20 -17.02 22.99 -26.33
CA ILE B 20 -16.54 22.13 -25.24
C ILE B 20 -16.95 22.67 -23.90
N LEU B 21 -17.72 21.88 -23.18
CA LEU B 21 -18.10 22.18 -21.81
C LEU B 21 -17.00 21.77 -20.78
N GLY B 22 -16.52 22.71 -20.02
CA GLY B 22 -15.63 22.41 -18.92
C GLY B 22 -14.46 23.36 -18.87
N SER B 23 -13.54 23.06 -17.95
CA SER B 23 -12.41 23.93 -17.70
C SER B 23 -11.10 23.25 -17.36
N GLY B 24 -11.01 21.93 -17.51
CA GLY B 24 -9.82 21.16 -17.17
C GLY B 24 -8.91 20.82 -18.36
N GLY B 25 -7.89 20.03 -18.13
CA GLY B 25 -6.95 19.68 -19.19
C GLY B 25 -7.59 18.75 -20.21
N ARG B 26 -8.55 17.93 -19.79
CA ARG B 26 -9.27 17.07 -20.76
C ARG B 26 -9.95 17.95 -21.82
N GLU B 27 -10.62 19.00 -21.37
CA GLU B 27 -11.36 19.89 -22.24
C GLU B 27 -10.37 20.65 -23.11
N HIS B 28 -9.28 21.08 -22.52
CA HIS B 28 -8.26 21.74 -23.29
C HIS B 28 -7.65 20.80 -24.29
N ALA B 29 -7.37 19.60 -23.86
CA ALA B 29 -6.85 18.60 -24.78
C ALA B 29 -7.79 18.33 -26.00
N ILE B 30 -9.05 18.12 -25.71
CA ILE B 30 -9.99 17.89 -26.77
C ILE B 30 -10.10 19.08 -27.68
N GLY B 31 -10.21 20.27 -27.12
CA GLY B 31 -10.25 21.49 -27.92
C GLY B 31 -8.98 21.74 -28.70
N TRP B 32 -7.86 21.32 -28.14
CA TRP B 32 -6.57 21.51 -28.76
C TRP B 32 -6.53 20.71 -30.07
N ALA B 33 -6.88 19.42 -29.97
CA ALA B 33 -6.95 18.52 -31.12
C ALA B 33 -7.88 18.98 -32.24
N PHE B 34 -9.07 19.44 -31.86
CA PHE B 34 -9.97 19.98 -32.86
C PHE B 34 -9.38 21.20 -33.56
N ALA B 35 -8.83 22.13 -32.79
CA ALA B 35 -8.28 23.37 -33.34
C ALA B 35 -7.11 23.05 -34.27
N LYS B 36 -6.38 22.01 -33.92
CA LYS B 36 -5.26 21.55 -34.69
C LYS B 36 -5.73 21.05 -36.05
N GLN B 37 -6.97 20.53 -36.12
CA GLN B 37 -7.57 20.06 -37.38
C GLN B 37 -8.34 21.17 -38.07
N GLY B 38 -8.24 22.40 -37.56
CA GLY B 38 -8.80 23.57 -38.21
C GLY B 38 -10.22 23.96 -37.84
N TYR B 39 -10.81 23.31 -36.84
CA TYR B 39 -12.18 23.66 -36.43
C TYR B 39 -12.17 24.85 -35.49
N GLU B 40 -13.30 25.55 -35.43
CA GLU B 40 -13.44 26.71 -34.56
C GLU B 40 -13.93 26.20 -33.21
N VAL B 41 -13.23 26.54 -32.14
CA VAL B 41 -13.46 25.91 -30.87
C VAL B 41 -13.87 26.92 -29.80
N HIS B 42 -14.99 26.62 -29.16
CA HIS B 42 -15.52 27.42 -28.07
C HIS B 42 -15.52 26.60 -26.77
N PHE B 43 -14.96 27.18 -25.72
CA PHE B 43 -14.87 26.50 -24.44
C PHE B 43 -15.80 27.20 -23.47
N TYR B 44 -16.45 26.42 -22.62
CA TYR B 44 -17.46 26.96 -21.70
C TYR B 44 -17.31 26.32 -20.35
N PRO B 45 -16.65 26.96 -19.38
CA PRO B 45 -16.00 28.25 -19.52
C PRO B 45 -14.54 28.24 -19.93
N GLY B 46 -13.93 27.10 -20.15
CA GLY B 46 -12.51 27.09 -20.37
C GLY B 46 -11.70 27.60 -19.19
N ASN B 47 -10.45 27.98 -19.48
CA ASN B 47 -9.52 28.55 -18.51
C ASN B 47 -8.53 29.40 -19.27
N ALA B 48 -7.55 30.00 -18.61
CA ALA B 48 -6.64 30.95 -19.28
C ALA B 48 -5.77 30.35 -20.36
N GLY B 49 -5.61 29.03 -20.32
CA GLY B 49 -4.83 28.31 -21.29
C GLY B 49 -5.60 28.00 -22.54
N THR B 50 -6.93 27.90 -22.40
CA THR B 50 -7.74 27.46 -23.52
C THR B 50 -7.92 28.57 -24.55
N LYS B 51 -7.57 29.78 -24.14
CA LYS B 51 -7.48 30.93 -25.07
C LYS B 51 -6.48 30.71 -26.24
N ARG B 52 -5.52 29.80 -26.09
CA ARG B 52 -4.57 29.49 -27.18
C ARG B 52 -5.23 28.81 -28.35
N ASP B 53 -6.27 28.04 -28.08
CA ASP B 53 -6.83 27.15 -29.07
C ASP B 53 -8.27 27.49 -29.43
N GLY B 54 -8.91 28.41 -28.72
CA GLY B 54 -10.28 28.83 -29.05
C GLY B 54 -10.72 30.04 -28.26
N THR B 55 -12.01 30.28 -28.17
CA THR B 55 -12.51 31.39 -27.37
C THR B 55 -13.37 30.86 -26.24
N ASN B 56 -13.11 31.39 -25.07
CA ASN B 56 -13.84 31.06 -23.87
C ASN B 56 -15.13 31.87 -23.75
N HIS B 57 -16.21 31.22 -23.35
CA HIS B 57 -17.46 31.88 -23.02
C HIS B 57 -17.97 31.30 -21.72
N PRO B 58 -18.75 32.07 -20.95
CA PRO B 58 -19.33 31.55 -19.72
C PRO B 58 -20.42 30.54 -20.02
N TYR B 59 -20.49 29.49 -19.22
CA TYR B 59 -21.54 28.48 -19.35
C TYR B 59 -22.69 28.88 -18.46
N GLU B 60 -23.90 28.81 -18.98
CA GLU B 60 -25.07 29.25 -18.22
C GLU B 60 -26.25 28.32 -18.49
N GLY B 61 -25.96 27.01 -18.48
CA GLY B 61 -26.97 25.98 -18.62
C GLY B 61 -27.66 25.93 -19.98
N GLU B 62 -28.97 25.71 -19.95
CA GLU B 62 -29.80 25.68 -21.15
C GLU B 62 -29.71 26.94 -22.03
N LYS B 63 -29.42 28.10 -21.42
CA LYS B 63 -29.28 29.34 -22.17
C LYS B 63 -28.07 29.26 -23.11
N THR B 64 -26.97 28.69 -22.59
CA THR B 64 -25.76 28.46 -23.36
C THR B 64 -26.04 27.50 -24.54
N LEU B 65 -26.75 26.43 -24.24
CA LEU B 65 -26.97 25.32 -25.15
C LEU B 65 -28.09 25.52 -26.16
N LYS B 66 -29.13 26.25 -25.77
CA LYS B 66 -30.24 26.55 -26.66
C LYS B 66 -29.79 27.45 -27.81
N ALA B 67 -28.73 28.22 -27.57
CA ALA B 67 -28.20 29.18 -28.54
C ALA B 67 -27.33 28.50 -29.61
N ILE B 68 -26.76 27.35 -29.28
CA ILE B 68 -25.80 26.68 -30.15
C ILE B 68 -26.56 25.87 -31.21
N PRO B 69 -26.21 26.03 -32.49
CA PRO B 69 -26.94 25.37 -33.58
C PRO B 69 -26.52 23.93 -33.74
N GLU B 70 -27.10 23.18 -34.68
CA GLU B 70 -26.59 21.81 -34.93
C GLU B 70 -25.19 21.90 -35.57
N GLU B 71 -24.29 21.06 -35.08
CA GLU B 71 -22.85 21.33 -34.95
C GLU B 71 -22.47 20.92 -33.48
N ASP B 72 -21.26 20.41 -33.29
CA ASP B 72 -20.98 19.49 -32.19
C ASP B 72 -20.77 20.15 -30.82
N ILE B 73 -21.41 19.59 -29.76
CA ILE B 73 -21.14 19.95 -28.36
C ILE B 73 -20.61 18.75 -27.61
N VAL B 74 -19.38 18.88 -27.07
CA VAL B 74 -18.72 17.81 -26.33
C VAL B 74 -18.77 18.07 -24.84
N ILE B 75 -19.56 17.27 -24.14
CA ILE B 75 -19.58 17.34 -22.68
C ILE B 75 -18.51 16.38 -22.07
N PRO B 76 -17.76 16.87 -21.10
CA PRO B 76 -17.12 16.04 -20.07
C PRO B 76 -17.44 16.42 -18.58
N GLY B 77 -18.33 15.66 -17.93
CA GLY B 77 -18.68 15.98 -16.54
C GLY B 77 -19.88 15.26 -15.97
N SER B 78 -20.58 15.98 -15.09
CA SER B 78 -21.94 15.62 -14.64
C SER B 78 -22.96 16.60 -15.24
N GLU B 79 -22.48 17.50 -16.09
CA GLU B 79 -23.36 18.17 -17.05
C GLU B 79 -24.38 17.11 -17.51
N GLU B 80 -23.88 15.91 -17.79
CA GLU B 80 -24.68 14.82 -18.37
C GLU B 80 -25.81 14.21 -17.59
N PHE B 81 -26.02 14.62 -16.35
CA PHE B 81 -27.36 14.36 -15.74
C PHE B 81 -28.30 15.53 -15.97
N LEU B 82 -28.09 16.23 -17.09
CA LEU B 82 -29.17 16.91 -17.86
C LEU B 82 -28.91 17.10 -19.39
N VAL B 83 -27.69 17.52 -19.80
CA VAL B 83 -27.45 18.10 -21.16
C VAL B 83 -28.22 17.46 -22.34
N GLU B 84 -27.88 16.21 -22.66
CA GLU B 84 -28.34 15.59 -23.93
C GLU B 84 -29.82 15.23 -23.94
N ARG B 90 -30.85 17.91 -26.00
CA ARG B 90 -30.52 18.39 -27.33
C ARG B 90 -29.66 17.39 -28.11
N SER B 91 -30.08 17.11 -29.34
CA SER B 91 -29.37 16.22 -30.27
C SER B 91 -27.98 16.71 -30.63
N ASN B 92 -27.73 17.96 -30.31
CA ASN B 92 -26.47 18.66 -30.48
C ASN B 92 -25.30 18.07 -29.70
N VAL B 93 -25.61 17.46 -28.56
CA VAL B 93 -24.61 17.10 -27.54
C VAL B 93 -24.14 15.67 -27.73
N PHE B 94 -22.81 15.52 -27.77
CA PHE B 94 -22.19 14.24 -28.02
C PHE B 94 -22.00 13.50 -26.72
N GLY B 95 -23.08 12.98 -26.20
CA GLY B 95 -23.03 12.30 -24.92
C GLY B 95 -24.39 11.75 -24.68
N PRO B 96 -24.49 10.76 -23.80
CA PRO B 96 -25.73 10.04 -23.66
C PRO B 96 -26.75 10.85 -22.92
N VAL B 97 -28.03 10.52 -23.16
CA VAL B 97 -29.16 11.03 -22.41
C VAL B 97 -29.14 10.63 -20.92
N LYS B 98 -29.85 11.35 -20.09
CA LYS B 98 -29.84 11.14 -18.64
C LYS B 98 -30.04 9.67 -18.23
N GLU B 99 -30.95 8.98 -18.90
CA GLU B 99 -31.31 7.64 -18.52
C GLU B 99 -30.13 6.69 -18.73
N VAL B 100 -29.30 6.98 -19.74
CA VAL B 100 -28.17 6.13 -20.05
C VAL B 100 -27.08 6.45 -19.08
N ALA B 101 -26.92 7.73 -18.79
CA ALA B 101 -25.91 8.24 -17.87
C ALA B 101 -26.12 7.80 -16.39
N ARG B 102 -27.29 7.25 -16.09
CA ARG B 102 -27.50 6.48 -14.83
C ARG B 102 -26.49 5.40 -14.64
N LEU B 103 -25.88 4.95 -15.73
CA LEU B 103 -24.77 3.95 -15.65
C LEU B 103 -23.63 4.48 -14.80
N GLU B 104 -23.35 5.78 -14.93
CA GLU B 104 -22.39 6.46 -14.08
C GLU B 104 -23.06 7.00 -12.80
N GLY B 105 -24.24 7.59 -12.94
CA GLY B 105 -24.91 8.35 -11.88
C GLY B 105 -25.46 7.56 -10.69
N SER B 106 -25.83 6.33 -10.96
CA SER B 106 -26.34 5.42 -9.98
C SER B 106 -25.54 4.15 -10.02
N LYS B 107 -24.60 3.99 -9.10
CA LYS B 107 -23.80 2.78 -9.04
C LYS B 107 -24.65 1.55 -8.76
N VAL B 108 -25.78 1.72 -8.06
CA VAL B 108 -26.71 0.63 -7.85
C VAL B 108 -27.40 0.25 -9.17
N TYR B 109 -27.86 1.24 -9.95
CA TYR B 109 -28.38 0.94 -11.28
C TYR B 109 -27.39 0.16 -12.10
N ALA B 110 -26.14 0.57 -12.06
CA ALA B 110 -25.13 0.01 -12.97
C ALA B 110 -24.92 -1.48 -12.68
N LYS B 111 -24.99 -1.82 -11.40
CA LYS B 111 -24.85 -3.20 -10.96
C LYS B 111 -26.02 -4.10 -11.33
N ARG B 112 -27.25 -3.58 -11.28
CA ARG B 112 -28.42 -4.36 -11.70
C ARG B 112 -28.42 -4.54 -13.22
N PHE B 113 -28.01 -3.48 -13.89
CA PHE B 113 -27.91 -3.50 -15.31
C PHE B 113 -26.96 -4.61 -15.75
N MSE B 114 -25.78 -4.64 -15.12
CA MSE B 114 -24.75 -5.61 -15.45
C MSE B 114 -25.16 -7.04 -15.13
O MSE B 114 -24.83 -7.95 -15.86
CB MSE B 114 -23.47 -5.24 -14.72
CG MSE B 114 -22.78 -4.05 -15.32
SE MSE B 114 -21.03 -3.70 -14.50
CE MSE B 114 -21.28 -2.07 -13.26
N LYS B 115 -25.86 -7.25 -14.04
CA LYS B 115 -26.40 -8.56 -13.71
C LYS B 115 -27.39 -8.98 -14.80
N LYS B 116 -28.29 -8.08 -15.15
CA LYS B 116 -29.26 -8.30 -16.23
C LYS B 116 -28.60 -8.70 -17.57
N TYR B 117 -27.67 -7.90 -18.07
CA TYR B 117 -27.11 -8.18 -19.36
C TYR B 117 -25.83 -9.01 -19.36
N GLY B 118 -25.60 -9.73 -18.26
CA GLY B 118 -24.50 -10.70 -18.13
C GLY B 118 -23.13 -10.12 -18.32
N ILE B 119 -22.92 -8.93 -17.73
CA ILE B 119 -21.67 -8.18 -17.82
C ILE B 119 -20.84 -8.49 -16.59
N ARG B 120 -19.60 -8.95 -16.81
CA ARG B 120 -18.81 -9.50 -15.72
C ARG B 120 -18.44 -8.44 -14.69
N THR B 121 -18.89 -8.62 -13.46
CA THR B 121 -18.59 -7.67 -12.41
C THR B 121 -18.64 -8.38 -11.10
N ALA B 122 -18.09 -7.75 -10.08
CA ALA B 122 -18.03 -8.35 -8.77
C ALA B 122 -19.40 -8.59 -8.22
N ARG B 123 -19.53 -9.68 -7.47
CA ARG B 123 -20.72 -9.96 -6.68
C ARG B 123 -20.94 -8.83 -5.68
N PHE B 124 -22.20 -8.50 -5.45
CA PHE B 124 -22.59 -7.29 -4.71
C PHE B 124 -23.92 -7.47 -4.01
N GLU B 125 -24.18 -6.63 -3.01
CA GLU B 125 -25.52 -6.45 -2.48
C GLU B 125 -25.80 -4.95 -2.34
N VAL B 126 -27.08 -4.61 -2.23
CA VAL B 126 -27.49 -3.22 -2.06
C VAL B 126 -28.03 -2.96 -0.65
N ALA B 127 -27.37 -2.06 0.07
CA ALA B 127 -27.82 -1.66 1.40
C ALA B 127 -28.41 -0.24 1.34
N GLU B 128 -29.71 -0.16 1.56
CA GLU B 128 -30.45 1.11 1.56
C GLU B 128 -30.50 1.78 2.93
N THR B 129 -30.26 0.99 3.97
CA THR B 129 -30.20 1.50 5.34
C THR B 129 -28.99 0.91 6.08
N PRO B 130 -28.57 1.55 7.18
CA PRO B 130 -27.46 1.05 8.00
C PRO B 130 -27.70 -0.36 8.52
N GLU B 131 -28.96 -0.63 8.83
CA GLU B 131 -29.42 -1.94 9.24
C GLU B 131 -29.10 -3.01 8.17
N GLU B 132 -29.43 -2.71 6.93
CA GLU B 132 -29.15 -3.61 5.81
C GLU B 132 -27.63 -3.79 5.65
N LEU B 133 -26.88 -2.72 5.82
CA LEU B 133 -25.44 -2.76 5.79
C LEU B 133 -24.90 -3.77 6.79
N ARG B 134 -25.46 -3.77 8.02
CA ARG B 134 -25.04 -4.72 9.07
C ARG B 134 -25.31 -6.18 8.69
N GLU B 135 -26.52 -6.46 8.19
CA GLU B 135 -26.89 -7.80 7.72
C GLU B 135 -26.08 -8.18 6.48
N LYS B 136 -26.17 -7.35 5.45
CA LYS B 136 -25.59 -7.68 4.15
C LYS B 136 -24.06 -7.70 4.14
N ILE B 137 -23.43 -7.05 5.10
CA ILE B 137 -21.97 -7.03 5.15
C ILE B 137 -21.42 -8.42 5.44
N LYS B 138 -22.19 -9.22 6.19
CA LYS B 138 -21.76 -10.57 6.63
C LYS B 138 -21.54 -11.54 5.47
N LYS B 139 -22.12 -11.22 4.30
CA LYS B 139 -21.91 -11.98 3.09
C LYS B 139 -20.55 -11.75 2.44
N PHE B 140 -19.70 -10.91 3.04
CA PHE B 140 -18.39 -10.56 2.48
C PHE B 140 -17.24 -10.76 3.43
N SER B 141 -16.04 -10.76 2.86
CA SER B 141 -14.83 -11.10 3.58
C SER B 141 -13.90 -9.89 3.70
N PRO B 142 -13.10 -9.86 4.78
CA PRO B 142 -12.40 -8.68 5.28
C PRO B 142 -12.14 -7.48 4.38
N PRO B 143 -11.47 -7.60 3.22
CA PRO B 143 -11.28 -6.39 2.40
C PRO B 143 -12.63 -5.92 1.81
N TYR B 144 -13.31 -5.03 2.52
CA TYR B 144 -14.68 -4.63 2.15
C TYR B 144 -14.70 -3.42 1.23
N VAL B 145 -15.61 -3.43 0.29
CA VAL B 145 -15.76 -2.32 -0.63
C VAL B 145 -17.18 -1.82 -0.54
N ILE B 146 -17.33 -0.57 -0.11
CA ILE B 146 -18.64 0.07 -0.13
C ILE B 146 -18.56 1.24 -1.09
N LYS B 147 -19.61 1.38 -1.90
CA LYS B 147 -19.67 2.42 -2.92
C LYS B 147 -21.01 3.14 -2.81
N ALA B 148 -20.94 4.45 -2.62
CA ALA B 148 -22.11 5.30 -2.65
C ALA B 148 -22.80 5.22 -3.98
N ASP B 149 -24.13 5.08 -3.97
CA ASP B 149 -24.92 5.04 -5.22
C ASP B 149 -24.67 6.28 -6.09
N GLY B 150 -24.77 7.45 -5.47
CA GLY B 150 -24.68 8.68 -6.20
C GLY B 150 -23.26 9.16 -6.43
N LEU B 151 -23.17 10.26 -7.16
CA LEU B 151 -21.91 10.95 -7.36
C LEU B 151 -21.40 11.47 -6.03
N ALA B 152 -20.09 11.29 -5.82
CA ALA B 152 -19.43 11.76 -4.59
C ALA B 152 -18.16 12.52 -4.96
N ARG B 153 -18.14 13.04 -6.20
CA ARG B 153 -16.92 13.56 -6.82
C ARG B 153 -15.85 12.51 -6.65
N GLY B 154 -16.13 11.29 -7.12
CA GLY B 154 -15.22 10.16 -6.98
C GLY B 154 -14.53 10.07 -5.63
N LYS B 155 -15.27 10.31 -4.54
CA LYS B 155 -14.73 10.13 -3.18
C LYS B 155 -15.64 9.24 -2.32
N GLY B 156 -16.49 8.45 -2.98
CA GLY B 156 -17.51 7.64 -2.30
C GLY B 156 -17.46 6.14 -2.56
N VAL B 157 -16.33 5.65 -3.04
CA VAL B 157 -16.03 4.22 -2.97
C VAL B 157 -15.06 3.97 -1.82
N LEU B 158 -15.49 3.27 -0.77
CA LEU B 158 -14.62 2.99 0.40
C LEU B 158 -14.03 1.59 0.32
N ILE B 159 -12.75 1.44 0.68
CA ILE B 159 -12.12 0.11 0.72
C ILE B 159 -11.54 -0.10 2.10
N LEU B 160 -12.22 -0.88 2.93
CA LEU B 160 -11.83 -0.98 4.34
C LEU B 160 -11.48 -2.39 4.75
N ASP B 161 -10.41 -2.51 5.53
CA ASP B 161 -9.96 -3.81 5.99
C ASP B 161 -10.91 -4.43 7.01
N SER B 162 -11.36 -3.62 7.97
CA SER B 162 -12.19 -4.08 9.10
C SER B 162 -13.69 -3.83 8.91
N LYS B 163 -14.49 -4.76 9.42
CA LYS B 163 -15.96 -4.71 9.34
C LYS B 163 -16.50 -3.52 10.15
N GLU B 164 -15.98 -3.33 11.35
CA GLU B 164 -16.43 -2.27 12.27
C GLU B 164 -16.34 -0.89 11.63
N GLU B 165 -15.20 -0.60 10.99
CA GLU B 165 -14.94 0.67 10.32
C GLU B 165 -15.77 0.78 9.02
N THR B 166 -16.03 -0.37 8.42
CA THR B 166 -16.91 -0.46 7.31
C THR B 166 -18.35 -0.15 7.70
N ILE B 167 -18.84 -0.72 8.80
CA ILE B 167 -20.22 -0.45 9.18
C ILE B 167 -20.33 0.99 9.62
N GLU B 168 -19.35 1.45 10.41
CA GLU B 168 -19.37 2.81 10.95
C GLU B 168 -19.39 3.87 9.85
N LYS B 169 -18.44 3.78 8.92
CA LYS B 169 -18.33 4.75 7.84
C LYS B 169 -19.40 4.53 6.79
N GLY B 170 -19.68 3.27 6.51
CA GLY B 170 -20.67 2.91 5.54
C GLY B 170 -22.07 3.33 5.89
N SER B 171 -22.38 3.23 7.19
CA SER B 171 -23.70 3.63 7.70
C SER B 171 -23.84 5.14 7.57
N LYS B 172 -22.78 5.86 7.97
CA LYS B 172 -22.72 7.32 7.87
C LYS B 172 -22.82 7.77 6.43
N LEU B 173 -22.22 6.99 5.54
CA LEU B 173 -22.28 7.24 4.11
C LEU B 173 -23.69 7.08 3.53
N ILE B 174 -24.44 6.08 4.02
CA ILE B 174 -25.86 5.92 3.65
C ILE B 174 -26.68 7.14 4.13
N ILE B 175 -26.48 7.53 5.38
CA ILE B 175 -27.31 8.56 6.05
C ILE B 175 -26.92 9.99 5.69
N GLY B 176 -25.85 10.15 4.92
CA GLY B 176 -25.37 11.48 4.54
C GLY B 176 -24.52 12.16 5.59
N GLU B 177 -24.05 11.41 6.59
CA GLU B 177 -23.11 11.93 7.57
C GLU B 177 -21.63 11.70 7.19
N LEU B 178 -21.34 10.87 6.18
CA LEU B 178 -19.94 10.66 5.80
C LEU B 178 -19.46 11.81 4.92
N ILE B 179 -19.98 11.87 3.69
CA ILE B 179 -19.60 12.88 2.71
C ILE B 179 -20.78 13.82 2.47
N LYS B 180 -20.64 15.09 2.87
CA LYS B 180 -21.70 16.10 2.71
C LYS B 180 -22.27 16.08 1.29
N GLY B 181 -23.59 15.97 1.18
CA GLY B 181 -24.28 15.87 -0.11
C GLY B 181 -24.25 14.49 -0.76
N VAL B 182 -23.96 13.48 0.05
CA VAL B 182 -23.99 12.09 -0.41
C VAL B 182 -24.79 11.27 0.61
N LYS B 183 -25.80 10.57 0.11
CA LYS B 183 -26.84 9.98 0.96
C LYS B 183 -27.68 9.06 0.08
N GLY B 184 -28.03 7.91 0.61
CA GLY B 184 -28.78 6.93 -0.15
C GLY B 184 -28.07 5.61 -0.18
N PRO B 185 -28.61 4.65 -0.92
CA PRO B 185 -28.14 3.28 -0.82
C PRO B 185 -26.67 3.19 -1.17
N VAL B 186 -26.07 2.05 -0.79
CA VAL B 186 -24.70 1.75 -1.09
C VAL B 186 -24.57 0.34 -1.68
N VAL B 187 -23.65 0.19 -2.61
CA VAL B 187 -23.29 -1.11 -3.11
C VAL B 187 -22.19 -1.68 -2.22
N ILE B 188 -22.35 -2.94 -1.86
CA ILE B 188 -21.31 -3.66 -1.17
C ILE B 188 -20.79 -4.58 -2.25
N ASP B 189 -19.51 -4.43 -2.53
CA ASP B 189 -18.90 -5.09 -3.61
C ASP B 189 -17.88 -6.10 -3.10
N GLU B 190 -17.89 -7.26 -3.72
CA GLU B 190 -16.88 -8.26 -3.43
C GLU B 190 -15.55 -7.74 -3.97
N PHE B 191 -14.58 -7.56 -3.07
CA PHE B 191 -13.27 -7.05 -3.41
C PHE B 191 -12.59 -8.03 -4.33
N LEU B 192 -11.99 -7.50 -5.41
CA LEU B 192 -11.26 -8.29 -6.40
C LEU B 192 -9.75 -8.04 -6.35
N ALA B 193 -8.98 -9.07 -6.05
CA ALA B 193 -7.54 -9.05 -6.28
C ALA B 193 -7.30 -8.86 -7.78
N GLY B 194 -6.33 -8.01 -8.11
CA GLY B 194 -5.90 -7.87 -9.51
C GLY B 194 -5.25 -6.54 -9.85
N ASN B 195 -4.97 -6.35 -11.13
CA ASN B 195 -4.42 -5.11 -11.63
C ASN B 195 -5.54 -4.35 -12.25
N GLU B 196 -5.69 -3.10 -11.80
CA GLU B 196 -6.71 -2.18 -12.26
C GLU B 196 -6.35 -1.64 -13.64
N LEU B 197 -7.35 -1.27 -14.42
CA LEU B 197 -7.13 -0.87 -15.79
C LEU B 197 -8.38 -0.16 -16.33
N SER B 198 -8.21 0.80 -17.21
CA SER B 198 -9.32 1.56 -17.73
C SER B 198 -9.45 1.31 -19.21
N ALA B 199 -10.68 1.26 -19.69
CA ALA B 199 -10.92 1.25 -21.12
C ALA B 199 -11.89 2.35 -21.53
N MSE B 200 -11.58 3.00 -22.64
CA MSE B 200 -12.35 4.11 -23.14
C MSE B 200 -12.66 3.89 -24.57
O MSE B 200 -11.82 3.41 -25.34
CB MSE B 200 -11.57 5.38 -22.99
CG MSE B 200 -11.84 6.08 -21.67
SE MSE B 200 -10.43 7.28 -21.10
CE MSE B 200 -9.36 5.85 -19.99
N ALA B 201 -13.86 4.27 -24.96
CA ALA B 201 -14.25 4.13 -26.34
C ALA B 201 -15.04 5.32 -26.79
N VAL B 202 -14.97 5.59 -28.08
CA VAL B 202 -15.94 6.49 -28.74
C VAL B 202 -17.04 5.62 -29.26
N VAL B 203 -18.29 6.04 -29.08
CA VAL B 203 -19.44 5.18 -29.21
C VAL B 203 -20.59 5.85 -30.04
N ASN B 204 -21.18 5.07 -30.94
CA ASN B 204 -22.44 5.46 -31.60
C ASN B 204 -23.28 4.22 -31.65
N GLY B 205 -24.25 4.16 -30.76
CA GLY B 205 -25.17 3.06 -30.70
C GLY B 205 -24.41 1.81 -30.37
N ARG B 206 -24.38 0.87 -31.31
CA ARG B 206 -23.69 -0.39 -31.09
C ARG B 206 -22.30 -0.41 -31.71
N ASN B 207 -21.94 0.64 -32.44
CA ASN B 207 -20.56 0.83 -32.92
C ASN B 207 -19.72 1.57 -31.89
N PHE B 208 -18.47 1.12 -31.72
CA PHE B 208 -17.51 1.78 -30.84
C PHE B 208 -16.09 1.59 -31.34
N VAL B 209 -15.21 2.54 -31.01
CA VAL B 209 -13.78 2.33 -31.22
C VAL B 209 -13.15 2.45 -29.86
N ILE B 210 -12.29 1.50 -29.50
CA ILE B 210 -11.56 1.59 -28.22
C ILE B 210 -10.37 2.49 -28.44
N LEU B 211 -10.12 3.42 -27.54
CA LEU B 211 -8.98 4.30 -27.63
C LEU B 211 -7.75 3.64 -27.00
N PRO B 212 -6.56 4.18 -27.27
CA PRO B 212 -5.34 3.65 -26.68
C PRO B 212 -5.49 3.50 -25.19
N PHE B 213 -4.98 2.41 -24.66
CA PHE B 213 -4.93 2.19 -23.24
C PHE B 213 -3.83 3.02 -22.66
N VAL B 214 -4.11 3.66 -21.53
CA VAL B 214 -3.15 4.53 -20.81
C VAL B 214 -3.08 4.10 -19.35
N ARG B 215 -1.99 4.43 -18.66
CA ARG B 215 -1.85 4.05 -17.28
C ARG B 215 -1.92 5.30 -16.46
N ASP B 216 -2.79 5.30 -15.47
CA ASP B 216 -2.97 6.46 -14.62
C ASP B 216 -2.32 6.30 -13.25
N TYR B 217 -2.14 7.42 -12.58
CA TYR B 217 -1.48 7.53 -11.32
C TYR B 217 -2.41 8.26 -10.37
N LYS B 218 -3.22 7.50 -9.65
CA LYS B 218 -4.27 8.05 -8.79
C LYS B 218 -3.79 8.73 -7.52
N ARG B 219 -2.79 8.15 -6.87
CA ARG B 219 -2.31 8.65 -5.58
C ARG B 219 -1.50 9.93 -5.75
N LEU B 220 -1.46 10.76 -4.73
CA LEU B 220 -0.76 12.02 -4.81
C LEU B 220 0.78 11.91 -4.85
N MSE B 221 1.33 10.87 -4.24
CA MSE B 221 2.76 10.79 -4.00
C MSE B 221 3.38 9.54 -4.55
O MSE B 221 2.70 8.55 -4.83
CB MSE B 221 3.03 10.86 -2.49
CG MSE B 221 2.23 11.94 -1.76
SE MSE B 221 2.48 11.88 0.16
CE MSE B 221 1.66 13.66 0.61
N ASP B 222 4.71 9.57 -4.63
CA ASP B 222 5.50 8.56 -5.31
C ASP B 222 5.38 7.28 -4.57
N GLY B 223 5.45 6.17 -5.30
CA GLY B 223 5.29 4.86 -4.70
C GLY B 223 3.85 4.70 -4.24
N ASP B 224 2.97 5.37 -4.97
CA ASP B 224 1.52 5.36 -4.72
C ASP B 224 1.16 5.49 -3.25
N ARG B 225 1.71 6.53 -2.64
CA ARG B 225 1.38 6.95 -1.29
C ARG B 225 0.52 8.22 -1.33
N GLY B 226 0.03 8.61 -0.17
CA GLY B 226 -0.78 9.79 0.00
C GLY B 226 -2.22 9.52 -0.39
N PRO B 227 -3.03 10.57 -0.35
CA PRO B 227 -4.44 10.50 -0.73
C PRO B 227 -4.66 10.21 -2.21
N ASN B 228 -5.80 9.64 -2.56
CA ASN B 228 -6.16 9.50 -3.95
C ASN B 228 -6.44 10.89 -4.48
N THR B 229 -6.25 11.05 -5.78
CA THR B 229 -6.54 12.28 -6.50
C THR B 229 -7.34 11.91 -7.75
N GLY B 230 -7.63 12.91 -8.57
CA GLY B 230 -8.29 12.67 -9.85
C GLY B 230 -7.35 12.22 -10.93
N GLY B 231 -6.05 12.19 -10.59
CA GLY B 231 -4.93 11.63 -11.39
C GLY B 231 -3.68 12.51 -11.43
N MSE B 232 -2.52 11.95 -11.07
CA MSE B 232 -1.26 12.71 -11.01
C MSE B 232 -0.37 12.58 -12.28
O MSE B 232 0.66 13.25 -12.43
CB MSE B 232 -0.47 12.34 -9.75
CG MSE B 232 -1.11 12.87 -8.51
SE MSE B 232 -1.24 14.85 -8.51
CE MSE B 232 0.64 15.18 -7.70
N GLY B 233 -0.78 11.71 -13.18
CA GLY B 233 -0.17 11.61 -14.47
C GLY B 233 -0.64 10.36 -15.19
N SER B 234 -0.14 10.21 -16.40
CA SER B 234 -0.40 9.02 -17.17
C SER B 234 0.57 8.89 -18.27
N TRP B 235 0.58 7.71 -18.86
CA TRP B 235 1.31 7.57 -20.08
C TRP B 235 0.66 6.52 -20.92
N GLY B 236 1.11 6.47 -22.16
CA GLY B 236 0.62 5.49 -23.08
C GLY B 236 1.41 5.51 -24.34
N PRO B 237 1.16 4.51 -25.18
CA PRO B 237 0.14 3.55 -24.95
C PRO B 237 0.66 2.31 -24.19
N VAL B 238 -0.21 1.72 -23.39
CA VAL B 238 0.05 0.53 -22.67
C VAL B 238 -0.35 -0.60 -23.59
N GLU B 239 0.45 -1.65 -23.56
CA GLU B 239 0.22 -2.87 -24.31
C GLU B 239 -0.67 -3.85 -23.55
N ILE B 240 -1.82 -4.17 -24.11
CA ILE B 240 -2.73 -5.12 -23.48
C ILE B 240 -2.73 -6.38 -24.36
N PRO B 241 -2.66 -7.58 -23.77
CA PRO B 241 -2.70 -8.78 -24.57
C PRO B 241 -3.98 -8.81 -25.40
N SER B 242 -3.92 -9.38 -26.61
CA SER B 242 -5.05 -9.38 -27.54
C SER B 242 -6.25 -10.14 -26.97
N ASP B 243 -5.99 -11.20 -26.23
CA ASP B 243 -7.03 -11.96 -25.57
C ASP B 243 -7.79 -11.11 -24.56
N THR B 244 -7.05 -10.31 -23.79
CA THR B 244 -7.63 -9.37 -22.86
C THR B 244 -8.43 -8.32 -23.62
N ILE B 245 -7.89 -7.79 -24.71
CA ILE B 245 -8.61 -6.81 -25.49
C ILE B 245 -9.91 -7.36 -26.04
N LYS B 246 -9.88 -8.59 -26.55
CA LYS B 246 -11.14 -9.16 -27.04
C LYS B 246 -12.18 -9.31 -25.94
N LYS B 247 -11.77 -9.67 -24.73
CA LYS B 247 -12.69 -9.69 -23.56
C LYS B 247 -13.20 -8.31 -23.17
N ILE B 248 -12.34 -7.29 -23.29
CA ILE B 248 -12.70 -5.91 -23.05
C ILE B 248 -13.72 -5.44 -24.10
N GLU B 249 -13.49 -5.79 -25.37
CA GLU B 249 -14.42 -5.52 -26.44
C GLU B 249 -15.76 -6.17 -26.18
N GLU B 250 -15.76 -7.36 -25.61
CA GLU B 250 -17.00 -8.06 -25.27
C GLU B 250 -17.78 -7.34 -24.19
N LEU B 251 -17.08 -6.76 -23.24
CA LEU B 251 -17.73 -5.89 -22.24
C LEU B 251 -18.40 -4.67 -22.87
N PHE B 252 -17.74 -4.05 -23.86
CA PHE B 252 -18.37 -2.96 -24.62
C PHE B 252 -19.59 -3.42 -25.35
N ASP B 253 -19.50 -4.55 -26.04
CA ASP B 253 -20.64 -5.07 -26.81
C ASP B 253 -21.87 -5.33 -25.96
N LYS B 254 -21.66 -5.99 -24.80
CA LYS B 254 -22.76 -6.37 -23.91
C LYS B 254 -23.38 -5.17 -23.24
N THR B 255 -22.54 -4.20 -22.88
CA THR B 255 -22.97 -2.93 -22.32
C THR B 255 -23.78 -2.14 -23.31
N LEU B 256 -23.32 -2.06 -24.56
CA LEU B 256 -24.08 -1.35 -25.62
C LEU B 256 -25.36 -2.04 -26.05
N TRP B 257 -25.37 -3.38 -26.10
CA TRP B 257 -26.60 -4.15 -26.29
C TRP B 257 -27.57 -3.85 -25.17
N GLY B 258 -27.08 -3.90 -23.93
CA GLY B 258 -27.93 -3.63 -22.78
C GLY B 258 -28.64 -2.29 -22.91
N VAL B 259 -27.91 -1.24 -23.30
CA VAL B 259 -28.50 0.09 -23.50
C VAL B 259 -29.59 0.06 -24.57
N GLU B 260 -29.31 -0.63 -25.69
CA GLU B 260 -30.27 -0.72 -26.79
C GLU B 260 -31.47 -1.47 -26.30
N LYS B 261 -31.29 -2.60 -25.62
CA LYS B 261 -32.43 -3.32 -25.12
C LYS B 261 -33.26 -2.53 -24.08
N GLU B 262 -32.63 -1.60 -23.36
CA GLU B 262 -33.38 -0.72 -22.45
C GLU B 262 -34.09 0.40 -23.21
N GLY B 263 -33.87 0.52 -24.52
CA GLY B 263 -34.67 1.41 -25.41
C GLY B 263 -33.91 2.63 -25.88
N TYR B 264 -32.66 2.75 -25.45
CA TYR B 264 -31.87 3.95 -25.63
C TYR B 264 -30.70 3.65 -26.54
N ALA B 265 -30.03 4.69 -26.98
CA ALA B 265 -28.88 4.53 -27.85
C ALA B 265 -27.77 5.35 -27.29
N TYR B 266 -26.63 4.75 -27.12
CA TYR B 266 -25.49 5.44 -26.55
C TYR B 266 -24.78 6.18 -27.62
N ARG B 267 -24.58 7.47 -27.37
CA ARG B 267 -23.80 8.32 -28.26
C ARG B 267 -22.83 9.03 -27.33
N GLY B 268 -21.56 9.07 -27.71
CA GLY B 268 -20.56 9.72 -26.91
C GLY B 268 -19.37 8.86 -26.59
N PHE B 269 -18.86 9.04 -25.38
CA PHE B 269 -17.68 8.35 -24.90
C PHE B 269 -18.12 7.46 -23.80
N LEU B 270 -17.49 6.31 -23.71
CA LEU B 270 -17.79 5.34 -22.66
C LEU B 270 -16.50 4.90 -22.05
N TYR B 271 -16.45 4.96 -20.74
CA TYR B 271 -15.28 4.62 -20.01
C TYR B 271 -15.64 3.43 -19.13
N LEU B 272 -14.79 2.38 -19.15
CA LEU B 272 -14.87 1.28 -18.21
C LEU B 272 -13.67 1.35 -17.30
N GLY B 273 -13.90 1.44 -16.01
CA GLY B 273 -12.84 1.16 -15.05
C GLY B 273 -12.87 -0.35 -14.85
N LEU B 274 -11.75 -1.03 -15.05
CA LEU B 274 -11.71 -2.51 -14.98
C LEU B 274 -10.77 -2.99 -13.93
N MSE B 275 -10.86 -4.28 -13.69
CA MSE B 275 -9.97 -4.99 -12.80
C MSE B 275 -9.70 -6.32 -13.51
O MSE B 275 -10.62 -7.07 -13.77
CB MSE B 275 -10.69 -5.27 -11.47
CG MSE B 275 -9.87 -6.03 -10.45
SE MSE B 275 -8.30 -5.02 -9.97
CE MSE B 275 -9.06 -4.01 -8.40
N LEU B 276 -8.46 -6.60 -13.84
CA LEU B 276 -8.13 -7.88 -14.41
C LEU B 276 -7.89 -8.81 -13.23
N HIS B 277 -8.76 -9.81 -13.13
CA HIS B 277 -8.81 -10.73 -12.04
C HIS B 277 -8.94 -12.12 -12.64
N ASP B 278 -7.98 -12.99 -12.31
CA ASP B 278 -7.95 -14.38 -12.80
C ASP B 278 -8.20 -14.44 -14.31
N GLY B 279 -7.44 -13.65 -15.06
CA GLY B 279 -7.52 -13.67 -16.53
C GLY B 279 -8.70 -12.94 -17.18
N ASP B 280 -9.65 -12.43 -16.39
CA ASP B 280 -10.84 -11.82 -16.94
C ASP B 280 -10.99 -10.41 -16.44
N PRO B 281 -11.50 -9.53 -17.31
CA PRO B 281 -11.82 -8.17 -16.95
C PRO B 281 -13.18 -8.00 -16.34
N TYR B 282 -13.17 -7.41 -15.15
CA TYR B 282 -14.39 -7.09 -14.39
C TYR B 282 -14.59 -5.57 -14.42
N ILE B 283 -15.83 -5.13 -14.62
CA ILE B 283 -16.18 -3.71 -14.60
C ILE B 283 -16.40 -3.25 -13.21
N LEU B 284 -15.55 -2.32 -12.77
CA LEU B 284 -15.66 -1.67 -11.46
C LEU B 284 -16.60 -0.50 -11.48
N GLU B 285 -16.69 0.14 -12.63
CA GLU B 285 -17.57 1.25 -12.80
C GLU B 285 -17.65 1.68 -14.24
N TYR B 286 -18.74 2.35 -14.57
CA TYR B 286 -18.90 3.03 -15.86
C TYR B 286 -18.75 4.50 -15.64
N ASN B 287 -18.03 5.19 -16.51
CA ASN B 287 -18.17 6.63 -16.64
C ASN B 287 -18.59 6.94 -18.06
N VAL B 288 -19.29 8.05 -18.21
CA VAL B 288 -19.88 8.38 -19.49
C VAL B 288 -19.16 9.59 -20.05
N ARG B 289 -17.86 9.64 -19.81
CA ARG B 289 -17.03 10.58 -20.51
C ARG B 289 -15.61 10.11 -20.36
N LEU B 290 -14.67 10.78 -21.00
CA LEU B 290 -13.25 10.32 -20.95
C LEU B 290 -12.59 10.77 -19.65
N GLY B 291 -11.55 10.05 -19.24
CA GLY B 291 -10.80 10.41 -18.05
C GLY B 291 -9.88 11.61 -18.19
N ASP B 292 -9.44 12.12 -17.04
CA ASP B 292 -8.47 13.19 -16.89
C ASP B 292 -7.53 12.77 -15.76
N PRO B 293 -6.25 12.52 -16.04
CA PRO B 293 -5.59 12.96 -17.27
C PRO B 293 -5.43 11.96 -18.42
N GLU B 294 -6.26 10.94 -18.54
CA GLU B 294 -6.09 9.97 -19.64
C GLU B 294 -6.32 10.56 -21.05
N THR B 295 -7.30 11.45 -21.15
CA THR B 295 -7.61 12.19 -22.39
C THR B 295 -6.46 12.93 -22.98
N GLU B 296 -5.72 13.65 -22.14
CA GLU B 296 -4.48 14.38 -22.53
C GLU B 296 -3.58 13.42 -23.27
N VAL B 297 -3.36 12.25 -22.70
CA VAL B 297 -2.44 11.23 -23.29
C VAL B 297 -2.97 10.70 -24.61
N ILE B 298 -4.18 10.22 -24.56
CA ILE B 298 -4.90 9.66 -25.68
C ILE B 298 -4.83 10.61 -26.86
N VAL B 299 -5.31 11.83 -26.63
CA VAL B 299 -5.31 12.88 -27.64
C VAL B 299 -3.90 13.19 -28.19
N THR B 300 -2.91 13.20 -27.31
CA THR B 300 -1.57 13.50 -27.76
C THR B 300 -1.03 12.37 -28.56
N LEU B 301 -1.59 11.17 -28.42
CA LEU B 301 -1.12 10.02 -29.17
C LEU B 301 -1.61 9.97 -30.62
N ASN B 302 -2.72 10.64 -30.93
CA ASN B 302 -3.21 10.80 -32.31
C ASN B 302 -4.35 11.77 -32.37
N PRO B 303 -4.06 13.07 -32.39
CA PRO B 303 -5.10 14.08 -32.34
C PRO B 303 -6.08 14.01 -33.53
N GLU B 304 -5.55 13.70 -34.71
CA GLU B 304 -6.30 13.49 -35.93
C GLU B 304 -7.36 12.38 -35.82
N GLY B 305 -6.91 11.22 -35.33
CA GLY B 305 -7.73 10.01 -35.28
C GLY B 305 -8.82 10.13 -34.20
N PHE B 306 -8.45 10.74 -33.08
CA PHE B 306 -9.43 11.06 -32.08
C PHE B 306 -10.52 11.95 -32.67
N VAL B 307 -10.13 13.10 -33.22
CA VAL B 307 -11.10 14.02 -33.83
C VAL B 307 -12.00 13.34 -34.87
N ASN B 308 -11.38 12.55 -35.73
CA ASN B 308 -12.11 11.82 -36.77
C ASN B 308 -13.16 10.88 -36.24
N ALA B 309 -12.81 10.10 -35.21
CA ALA B 309 -13.72 9.14 -34.64
C ALA B 309 -14.90 9.85 -34.01
N VAL B 310 -14.61 10.94 -33.34
CA VAL B 310 -15.67 11.69 -32.68
C VAL B 310 -16.65 12.20 -33.70
N LEU B 311 -16.15 12.72 -34.81
CA LEU B 311 -17.00 13.37 -35.78
C LEU B 311 -17.83 12.32 -36.48
N GLU B 312 -17.20 11.21 -36.84
CA GLU B 312 -17.91 10.13 -37.44
C GLU B 312 -18.94 9.58 -36.48
N GLY B 313 -18.57 9.41 -35.21
CA GLY B 313 -19.51 8.96 -34.18
C GLY B 313 -20.69 9.90 -34.02
N TYR B 314 -20.40 11.19 -33.90
CA TYR B 314 -21.41 12.23 -33.88
C TYR B 314 -22.28 12.26 -35.13
N ARG B 315 -21.65 12.10 -36.29
CA ARG B 315 -22.36 12.24 -37.56
C ARG B 315 -23.19 11.00 -37.90
N GLY B 316 -23.00 9.92 -37.14
CA GLY B 316 -23.68 8.65 -37.41
C GLY B 316 -22.97 7.75 -38.41
N GLY B 317 -21.75 8.13 -38.80
CA GLY B 317 -20.99 7.35 -39.76
C GLY B 317 -20.06 6.36 -39.09
N LYS B 318 -19.40 5.55 -39.93
CA LYS B 318 -18.40 4.55 -39.50
C LYS B 318 -17.18 5.23 -38.86
N MSE B 319 -16.79 4.75 -37.70
CA MSE B 319 -15.58 5.26 -37.07
C MSE B 319 -14.45 4.32 -37.37
O MSE B 319 -14.61 3.09 -37.34
CB MSE B 319 -15.71 5.38 -35.57
CG MSE B 319 -16.67 6.44 -35.12
SE MSE B 319 -17.04 6.16 -33.20
CE MSE B 319 -18.09 4.52 -33.39
N GLU B 320 -13.30 4.92 -37.63
CA GLU B 320 -12.10 4.17 -37.92
C GLU B 320 -11.27 4.09 -36.64
N PRO B 321 -10.53 2.99 -36.49
CA PRO B 321 -9.70 2.76 -35.30
C PRO B 321 -8.74 3.90 -34.99
N VAL B 322 -8.54 4.16 -33.70
CA VAL B 322 -7.60 5.20 -33.28
C VAL B 322 -6.28 4.58 -32.91
N GLU B 323 -5.32 4.67 -33.82
CA GLU B 323 -3.99 4.10 -33.65
C GLU B 323 -3.09 5.13 -32.99
N PRO B 324 -2.40 4.76 -31.92
CA PRO B 324 -1.49 5.70 -31.26
C PRO B 324 -0.20 5.81 -32.03
N ARG B 325 0.35 7.02 -32.10
CA ARG B 325 1.67 7.23 -32.71
C ARG B 325 2.70 7.60 -31.64
N GLY B 326 3.65 6.71 -31.41
CA GLY B 326 4.66 6.94 -30.37
C GLY B 326 4.14 6.73 -28.98
N PHE B 327 4.75 7.41 -28.03
CA PHE B 327 4.36 7.40 -26.61
C PHE B 327 4.12 8.84 -26.13
N ALA B 328 3.14 8.98 -25.24
CA ALA B 328 2.87 10.23 -24.54
C ALA B 328 2.96 10.03 -23.02
N VAL B 329 3.51 11.02 -22.33
CA VAL B 329 3.57 11.05 -20.88
C VAL B 329 2.99 12.38 -20.44
N ASP B 330 2.12 12.31 -19.45
CA ASP B 330 1.56 13.49 -18.84
C ASP B 330 2.03 13.54 -17.39
N VAL B 331 2.83 14.55 -17.05
CA VAL B 331 3.19 14.81 -15.69
C VAL B 331 2.28 15.97 -15.27
N VAL B 332 1.43 15.71 -14.28
CA VAL B 332 0.56 16.73 -13.74
C VAL B 332 1.31 17.54 -12.69
N LEU B 333 1.33 18.86 -12.89
CA LEU B 333 1.65 19.81 -11.83
C LEU B 333 0.38 20.33 -11.12
N ALA B 334 0.32 20.06 -9.82
CA ALA B 334 -0.81 20.42 -8.97
C ALA B 334 -0.37 21.45 -7.94
N ALA B 335 -1.35 22.03 -7.25
CA ALA B 335 -1.09 23.00 -6.22
C ALA B 335 -0.75 22.33 -4.89
N ARG B 336 0.07 23.00 -4.08
CA ARG B 336 0.26 22.60 -2.73
C ARG B 336 -1.12 22.60 -2.07
N GLY B 337 -1.40 21.51 -1.33
CA GLY B 337 -2.70 21.30 -0.69
C GLY B 337 -3.66 20.35 -1.40
N TYR B 338 -3.40 20.09 -2.68
CA TYR B 338 -4.22 19.16 -3.47
C TYR B 338 -4.11 17.74 -2.88
N PRO B 339 -5.22 17.02 -2.66
CA PRO B 339 -6.56 17.39 -3.07
C PRO B 339 -7.45 18.07 -2.04
N ASP B 340 -7.18 17.87 -0.75
CA ASP B 340 -8.14 18.29 0.26
C ASP B 340 -8.30 19.82 0.40
N ALA B 341 -7.39 20.59 -0.16
CA ALA B 341 -7.39 22.05 0.05
C ALA B 341 -6.31 22.70 -0.78
N PRO B 342 -6.45 22.76 -2.11
CA PRO B 342 -5.44 23.37 -2.93
C PRO B 342 -5.31 24.84 -2.63
N GLU B 343 -4.10 25.36 -2.75
CA GLU B 343 -3.91 26.78 -2.66
C GLU B 343 -3.92 27.38 -4.05
N LYS B 344 -4.59 28.52 -4.16
CA LYS B 344 -4.78 29.22 -5.42
C LYS B 344 -3.97 30.52 -5.44
N GLY B 345 -4.02 31.21 -6.58
CA GLY B 345 -3.51 32.56 -6.70
C GLY B 345 -2.03 32.72 -6.98
N LYS B 346 -1.27 31.63 -7.02
CA LYS B 346 0.20 31.73 -7.09
C LYS B 346 0.60 31.89 -8.54
N GLU B 347 1.69 32.59 -8.78
CA GLU B 347 2.04 33.08 -10.12
C GLU B 347 2.80 32.02 -10.91
N ILE B 348 2.36 31.75 -12.14
CA ILE B 348 2.93 30.66 -12.96
C ILE B 348 3.92 31.18 -14.02
N THR B 349 5.15 30.73 -13.95
CA THR B 349 6.13 31.00 -14.98
C THR B 349 6.06 29.81 -15.93
N LEU B 350 6.00 30.12 -17.22
CA LEU B 350 5.93 29.11 -18.29
C LEU B 350 7.12 29.29 -19.26
N PRO B 351 7.62 28.21 -19.85
CA PRO B 351 8.66 28.32 -20.89
C PRO B 351 8.19 28.87 -22.24
N GLU B 352 9.14 29.12 -23.14
CA GLU B 352 8.83 29.52 -24.51
C GLU B 352 8.02 28.42 -25.22
N GLU B 353 8.44 27.16 -25.08
CA GLU B 353 7.70 26.07 -25.74
C GLU B 353 7.49 24.81 -24.88
N GLY B 354 6.75 23.85 -25.45
CA GLY B 354 6.33 22.62 -24.75
C GLY B 354 4.84 22.42 -24.86
N LEU B 355 4.41 21.18 -25.01
CA LEU B 355 3.00 20.91 -25.06
C LEU B 355 2.49 20.84 -23.65
N ILE B 356 1.72 21.84 -23.27
CA ILE B 356 1.10 21.93 -21.95
C ILE B 356 -0.38 21.98 -22.15
N PHE B 357 -1.12 21.25 -21.31
CA PHE B 357 -2.56 21.41 -21.22
C PHE B 357 -2.87 22.09 -19.89
N PHE B 358 -3.67 23.14 -19.95
CA PHE B 358 -3.98 23.94 -18.80
C PHE B 358 -5.29 23.46 -18.19
N ALA B 359 -5.37 23.54 -16.87
CA ALA B 359 -6.57 23.18 -16.17
C ALA B 359 -6.84 24.31 -15.19
N GLY B 360 -6.39 24.17 -13.96
CA GLY B 360 -6.65 25.17 -12.94
C GLY B 360 -5.75 26.37 -13.06
N VAL B 361 -5.95 27.15 -14.11
CA VAL B 361 -5.22 28.42 -14.25
C VAL B 361 -6.15 29.56 -14.52
N ALA B 362 -5.82 30.71 -13.92
CA ALA B 362 -6.61 31.92 -14.12
C ALA B 362 -5.72 33.09 -14.48
N GLU B 363 -6.33 34.14 -15.01
CA GLU B 363 -5.63 35.39 -15.26
C GLU B 363 -5.97 36.34 -14.14
N LYS B 364 -4.97 37.00 -13.58
CA LYS B 364 -5.20 38.03 -12.55
C LYS B 364 -4.06 39.00 -12.63
N ASP B 365 -4.38 40.28 -12.70
CA ASP B 365 -3.38 41.32 -12.73
C ASP B 365 -2.35 41.12 -13.88
N GLY B 366 -2.87 40.72 -15.04
CA GLY B 366 -2.06 40.54 -16.24
C GLY B 366 -1.14 39.33 -16.20
N LYS B 367 -1.38 38.46 -15.23
CA LYS B 367 -0.52 37.31 -15.03
C LYS B 367 -1.30 36.02 -15.12
N LEU B 368 -0.55 34.95 -15.18
CA LEU B 368 -1.11 33.61 -15.11
C LEU B 368 -0.94 33.14 -13.65
N VAL B 369 -2.03 32.72 -13.03
CA VAL B 369 -2.04 32.33 -11.61
C VAL B 369 -2.77 30.96 -11.41
N THR B 370 -2.41 30.21 -10.38
CA THR B 370 -3.07 28.92 -10.14
C THR B 370 -4.49 29.14 -9.66
N ASN B 371 -5.38 28.21 -10.01
CA ASN B 371 -6.81 28.37 -9.77
C ASN B 371 -7.55 27.03 -9.85
N GLY B 372 -7.05 26.07 -9.11
CA GLY B 372 -7.60 24.71 -9.14
C GLY B 372 -6.60 23.73 -8.57
N GLY B 373 -7.08 22.54 -8.22
CA GLY B 373 -6.21 21.51 -7.68
C GLY B 373 -5.08 21.10 -8.63
N ARG B 374 -5.45 20.68 -9.81
CA ARG B 374 -4.52 20.36 -10.88
C ARG B 374 -4.41 21.59 -11.76
N VAL B 375 -3.16 22.05 -11.93
CA VAL B 375 -2.87 23.32 -12.57
C VAL B 375 -2.51 23.12 -14.03
N LEU B 376 -1.46 22.34 -14.25
CA LEU B 376 -0.96 22.04 -15.58
C LEU B 376 -0.76 20.56 -15.85
N HIS B 377 -0.85 20.21 -17.13
CA HIS B 377 -0.46 18.92 -17.63
C HIS B 377 0.75 19.16 -18.53
N CYS B 378 1.92 18.70 -18.13
CA CYS B 378 3.13 18.73 -18.96
C CYS B 378 3.30 17.45 -19.78
N MSE B 379 3.27 17.61 -21.09
CA MSE B 379 3.29 16.46 -21.97
C MSE B 379 4.72 16.24 -22.48
O MSE B 379 5.43 17.20 -22.75
CB MSE B 379 2.34 16.64 -23.16
CG MSE B 379 0.88 17.05 -22.79
SE MSE B 379 -0.09 15.74 -21.66
CE MSE B 379 0.21 16.43 -20.17
N GLY B 380 5.13 14.98 -22.57
CA GLY B 380 6.32 14.59 -23.27
C GLY B 380 5.90 13.60 -24.32
N THR B 381 6.63 13.56 -25.43
CA THR B 381 6.36 12.62 -26.50
C THR B 381 7.69 12.04 -27.00
N GLY B 382 7.66 10.80 -27.46
CA GLY B 382 8.83 10.16 -28.04
C GLY B 382 8.48 8.85 -28.69
N GLU B 383 9.48 8.24 -29.30
CA GLU B 383 9.36 6.91 -29.89
C GLU B 383 9.40 5.84 -28.82
N THR B 384 10.00 6.15 -27.68
CA THR B 384 9.98 5.24 -26.55
C THR B 384 9.23 5.85 -25.40
N LYS B 385 8.93 5.03 -24.39
CA LYS B 385 8.35 5.51 -23.16
C LYS B 385 9.33 6.42 -22.44
N GLU B 386 10.60 6.07 -22.50
CA GLU B 386 11.62 6.82 -21.78
C GLU B 386 11.90 8.17 -22.43
N GLU B 387 11.78 8.23 -23.75
CA GLU B 387 11.96 9.49 -24.45
C GLU B 387 10.80 10.44 -24.09
N ALA B 388 9.57 9.94 -24.22
CA ALA B 388 8.39 10.59 -23.72
C ALA B 388 8.47 11.06 -22.28
N ARG B 389 9.01 10.22 -21.40
CA ARG B 389 9.14 10.56 -19.97
C ARG B 389 10.13 11.73 -19.76
N ARG B 390 11.34 11.64 -20.29
CA ARG B 390 12.30 12.76 -20.14
C ARG B 390 11.73 14.09 -20.67
N LYS B 391 11.12 14.04 -21.83
CA LYS B 391 10.55 15.25 -22.42
C LYS B 391 9.56 15.89 -21.45
N ALA B 392 8.65 15.07 -20.94
CA ALA B 392 7.65 15.56 -20.01
C ALA B 392 8.32 16.22 -18.81
N TYR B 393 9.27 15.53 -18.20
CA TYR B 393 9.89 16.03 -16.95
C TYR B 393 10.77 17.24 -17.17
N GLU B 394 11.54 17.22 -18.26
CA GLU B 394 12.31 18.37 -18.70
C GLU B 394 11.43 19.61 -18.81
N LEU B 395 10.19 19.43 -19.29
CA LEU B 395 9.18 20.50 -19.33
C LEU B 395 8.65 20.89 -17.96
N ALA B 396 8.43 19.91 -17.09
CA ALA B 396 7.91 20.24 -15.76
C ALA B 396 8.93 21.04 -14.91
N GLU B 397 10.23 20.82 -15.13
CA GLU B 397 11.29 21.58 -14.45
C GLU B 397 11.34 23.04 -14.91
N LYS B 398 10.93 23.30 -16.15
CA LYS B 398 10.94 24.66 -16.70
C LYS B 398 9.71 25.47 -16.28
N VAL B 399 8.73 24.78 -15.68
CA VAL B 399 7.45 25.40 -15.37
C VAL B 399 7.45 25.57 -13.90
N HIS B 400 7.12 26.78 -13.44
CA HIS B 400 7.20 27.08 -12.02
C HIS B 400 6.01 27.83 -11.46
N PHE B 401 5.61 27.45 -10.26
CA PHE B 401 4.73 28.23 -9.42
C PHE B 401 4.94 27.75 -8.03
N GLU B 402 4.61 28.55 -7.03
CA GLU B 402 4.96 28.23 -5.65
C GLU B 402 4.13 27.08 -5.16
N GLY B 403 4.76 26.19 -4.40
CA GLY B 403 4.10 24.99 -3.92
C GLY B 403 3.87 23.97 -5.01
N LYS B 404 4.69 24.03 -6.06
CA LYS B 404 4.49 23.20 -7.26
C LYS B 404 4.69 21.74 -6.93
N THR B 405 3.62 20.96 -7.10
CA THR B 405 3.53 19.62 -6.56
C THR B 405 3.43 18.57 -7.67
N TYR B 406 4.40 17.65 -7.69
CA TYR B 406 4.39 16.65 -8.71
C TYR B 406 5.08 15.35 -8.33
N ARG B 407 4.72 14.30 -9.08
CA ARG B 407 5.33 12.96 -8.95
C ARG B 407 6.45 12.81 -9.95
N ARG B 408 7.61 12.44 -9.45
CA ARG B 408 8.77 12.14 -10.30
C ARG B 408 8.77 10.66 -10.69
N ASP B 409 7.75 9.98 -10.17
CA ASP B 409 7.35 8.59 -10.42
C ASP B 409 6.98 8.23 -11.84
N ILE B 410 6.49 9.18 -12.60
CA ILE B 410 5.65 8.83 -13.75
C ILE B 410 6.45 8.07 -14.84
N ALA B 411 5.85 6.96 -15.30
CA ALA B 411 6.31 6.24 -16.49
C ALA B 411 7.77 5.77 -16.43
C1 EDO C . -11.80 -2.62 -6.13
O1 EDO C . -11.94 -4.06 -6.01
C2 EDO C . -13.19 -1.94 -6.00
O2 EDO C . -13.38 -0.79 -6.85
#